data_7VFI
#
_entry.id   7VFI
#
_cell.length_a   1.00
_cell.length_b   1.00
_cell.length_c   1.00
_cell.angle_alpha   90.00
_cell.angle_beta   90.00
_cell.angle_gamma   90.00
#
_symmetry.space_group_name_H-M   'P 1'
#
loop_
_entity.id
_entity.type
_entity.pdbx_description
1 polymer 'ABC-type oligopeptide transporter ABCB9'
2 polymer ARG-ARG-TYR-GLN-LYS-SER-THR-GLU-LEU
3 non-polymer 'CHOLESTEROL HEMISUCCINATE'
#
loop_
_entity_poly.entity_id
_entity_poly.type
_entity_poly.pdbx_seq_one_letter_code
_entity_poly.pdbx_strand_id
1 'polypeptide(L)'
;MRLWKAVVVTLAFVSTDVGVTTAIYAFSHLDRSLLEDIRHFNIFDSVLDLWAACLYRSCLLLGATIGVAKNSALGPRRLR
ASWLVITLVCLFVGIYAMAKLLLFSEVRRPIRDPWFWALFVWTYISLAASFLLWGLLATVRPDAEALEPGNEGFHGEGGA
PAEQASGATLQKLLSYTKPDVAFLVAASFFLIVAALGETFLPYYTGRAIDSIVIQKSMDQFTTAVVVVCLLAIGSSLAAG
IRGGIFTLVFARLNIRLRNCLFRSLVSQETSFFDENRTGDLISRLTSDTTMVSDLVSQNINIFLRNTVKVTGVVVFMFSL
SWQLSLVTFMGFPIIMMVSNIYGKYYKRLSKEVQSALARASTTAEETISAMKTVRSFANEEEEAEVFLRKLQQVYKLNRK
EAAAYMSYVWGSGLTLLVVQVSILYYGGHLVISGQMSSGNLIAFIIYEFVLGDCMESVGSVYSGLMQGVGAAEKVFEFID
RQPTMVHDGSLAPDHLEGRVDFENVTFTYRTRPHTQVLQNVSFSLSPGKVTALVGPSGSGKSSCVNILENFYPLQGGRVL
LDGKPIGAYDHKYLHRVISLVSQEPVLFARSITDNISYGLPTVPFEMVVEAAQKANAHGFIMELQDGYSTETGEKGAQLS
GGQKQRVAMARALVRNPPVLILDEATSALDAESEYLIQQAIHGNLQRHTVLIIAHRLSTVERAHLIVVLDKGRVVQQGTH
QQLLAQGGLYAKLVQRQMLGLEHPLDYTASHKEPPSNTEHKA
;
A,B
2 'polypeptide(L)' RRYQKSTEL C
#
loop_
_chem_comp.id
_chem_comp.type
_chem_comp.name
_chem_comp.formula
Y01 non-polymer 'CHOLESTEROL HEMISUCCINATE' 'C31 H50 O4'
#
# COMPACT_ATOMS: atom_id res chain seq x y z
N THR A 169 -6.64 -25.92 9.92
CA THR A 169 -5.68 -26.95 10.30
C THR A 169 -4.29 -26.66 9.78
N LEU A 170 -3.34 -27.47 10.20
CA LEU A 170 -1.99 -27.45 9.67
C LEU A 170 -1.60 -28.78 9.05
N GLN A 171 -2.52 -29.75 9.03
CA GLN A 171 -2.24 -31.04 8.42
C GLN A 171 -2.00 -30.90 6.92
N LYS A 172 -2.61 -29.89 6.30
CA LYS A 172 -2.29 -29.57 4.91
C LYS A 172 -0.84 -29.16 4.78
N LEU A 173 -0.36 -28.32 5.70
CA LEU A 173 1.04 -27.93 5.71
C LEU A 173 1.94 -29.13 5.92
N LEU A 174 1.49 -30.07 6.76
CA LEU A 174 2.21 -31.32 6.94
C LEU A 174 2.34 -32.07 5.63
N SER A 175 1.24 -32.18 4.90
CA SER A 175 1.25 -32.95 3.67
C SER A 175 2.08 -32.28 2.59
N TYR A 176 2.18 -30.97 2.61
CA TYR A 176 2.89 -30.27 1.54
C TYR A 176 4.39 -30.21 1.76
N THR A 177 4.96 -31.11 2.54
CA THR A 177 6.41 -31.23 2.66
C THR A 177 6.88 -32.66 2.48
N LYS A 178 5.97 -33.59 2.19
CA LYS A 178 6.32 -35.01 2.11
C LYS A 178 7.41 -35.37 1.11
N PRO A 179 7.54 -34.76 -0.09
CA PRO A 179 8.66 -35.15 -0.94
C PRO A 179 9.97 -34.47 -0.58
N ASP A 180 10.05 -33.92 0.62
CA ASP A 180 11.21 -33.13 1.03
C ASP A 180 11.85 -33.67 2.30
N VAL A 181 11.36 -34.81 2.80
CA VAL A 181 11.73 -35.27 4.13
C VAL A 181 13.17 -35.71 4.22
N ALA A 182 13.79 -36.09 3.10
CA ALA A 182 15.20 -36.47 3.13
C ALA A 182 16.06 -35.27 3.48
N PHE A 183 15.84 -34.16 2.75
CA PHE A 183 16.52 -32.92 3.08
C PHE A 183 16.17 -32.46 4.48
N LEU A 184 14.93 -32.69 4.91
CA LEU A 184 14.53 -32.28 6.25
C LEU A 184 15.31 -33.02 7.34
N VAL A 185 15.42 -34.34 7.21
CA VAL A 185 16.07 -35.08 8.28
C VAL A 185 17.57 -34.83 8.25
N ALA A 186 18.16 -34.67 7.06
CA ALA A 186 19.59 -34.34 7.01
C ALA A 186 19.85 -32.98 7.63
N ALA A 187 18.92 -32.03 7.39
CA ALA A 187 19.04 -30.70 7.96
C ALA A 187 18.97 -30.75 9.48
N SER A 188 18.00 -31.49 10.02
CA SER A 188 17.86 -31.54 11.48
C SER A 188 19.04 -32.24 12.12
N PHE A 189 19.60 -33.25 11.45
CA PHE A 189 20.77 -33.94 11.98
C PHE A 189 21.96 -32.98 12.06
N PHE A 190 22.26 -32.30 10.96
CA PHE A 190 23.40 -31.38 10.98
C PHE A 190 23.15 -30.22 11.94
N LEU A 191 21.89 -29.81 12.09
CA LEU A 191 21.54 -28.81 13.07
C LEU A 191 21.89 -29.27 14.48
N ILE A 192 21.56 -30.52 14.81
CA ILE A 192 21.81 -30.99 16.16
C ILE A 192 23.30 -31.13 16.38
N VAL A 193 24.07 -31.41 15.32
CA VAL A 193 25.52 -31.51 15.49
C VAL A 193 26.12 -30.14 15.78
N ALA A 194 25.69 -29.12 15.02
CA ALA A 194 26.17 -27.78 15.29
C ALA A 194 25.77 -27.30 16.67
N ALA A 195 24.60 -27.74 17.15
CA ALA A 195 24.17 -27.41 18.49
C ALA A 195 25.12 -27.99 19.53
N LEU A 196 25.41 -29.29 19.42
CA LEU A 196 26.30 -29.91 20.40
C LEU A 196 27.69 -29.31 20.36
N GLY A 197 28.17 -28.93 19.17
CA GLY A 197 29.47 -28.29 19.09
C GLY A 197 29.48 -26.94 19.80
N GLU A 198 28.47 -26.10 19.51
CA GLU A 198 28.42 -24.79 20.10
C GLU A 198 28.27 -24.86 21.61
N THR A 199 27.57 -25.86 22.11
CA THR A 199 27.46 -25.92 23.56
C THR A 199 28.64 -26.61 24.22
N PHE A 200 29.41 -27.41 23.49
CA PHE A 200 30.59 -28.01 24.09
C PHE A 200 31.79 -27.07 24.13
N LEU A 201 31.84 -26.08 23.25
CA LEU A 201 32.96 -25.12 23.22
C LEU A 201 33.34 -24.49 24.57
N PRO A 202 32.44 -23.87 25.33
CA PRO A 202 32.92 -23.01 26.42
C PRO A 202 33.52 -23.75 27.60
N TYR A 203 33.10 -24.99 27.88
CA TYR A 203 33.65 -25.69 29.03
C TYR A 203 35.12 -26.05 28.81
N TYR A 204 35.45 -26.54 27.63
CA TYR A 204 36.86 -26.75 27.31
C TYR A 204 37.61 -25.43 27.25
N THR A 205 36.95 -24.37 26.78
CA THR A 205 37.56 -23.05 26.81
C THR A 205 37.97 -22.67 28.22
N GLY A 206 37.07 -22.89 29.18
CA GLY A 206 37.37 -22.58 30.57
C GLY A 206 38.41 -23.48 31.17
N ARG A 207 38.48 -24.74 30.74
CA ARG A 207 39.56 -25.60 31.18
C ARG A 207 40.91 -25.05 30.72
N ALA A 208 40.96 -24.59 29.47
CA ALA A 208 42.18 -23.95 28.98
C ALA A 208 42.52 -22.70 29.77
N ILE A 209 41.50 -21.95 30.18
CA ILE A 209 41.76 -20.74 30.94
C ILE A 209 42.26 -21.06 32.35
N ASP A 210 41.67 -22.06 32.99
CA ASP A 210 42.15 -22.48 34.30
C ASP A 210 43.56 -23.05 34.23
N SER A 211 43.93 -23.59 33.07
CA SER A 211 45.33 -23.88 32.84
C SER A 211 46.16 -22.60 32.80
N ILE A 212 45.72 -21.62 31.99
CA ILE A 212 46.54 -20.43 31.75
C ILE A 212 46.65 -19.53 32.97
N VAL A 213 45.82 -19.75 34.00
CA VAL A 213 45.94 -18.98 35.23
C VAL A 213 46.62 -19.78 36.33
N ILE A 214 46.32 -21.08 36.45
CA ILE A 214 46.86 -21.87 37.55
C ILE A 214 48.12 -22.61 37.12
N GLN A 215 47.98 -23.52 36.17
CA GLN A 215 49.05 -24.42 35.79
C GLN A 215 49.58 -24.00 34.42
N LYS A 216 50.53 -23.07 34.42
CA LYS A 216 51.01 -22.44 33.20
C LYS A 216 51.99 -23.38 32.50
N SER A 217 51.46 -24.48 32.00
CA SER A 217 52.25 -25.53 31.36
C SER A 217 51.79 -25.71 29.92
N MET A 218 52.30 -26.75 29.29
CA MET A 218 51.96 -27.07 27.91
C MET A 218 50.81 -28.05 27.81
N ASP A 219 49.97 -28.13 28.84
CA ASP A 219 48.63 -28.66 28.62
C ASP A 219 47.80 -27.66 27.83
N GLN A 220 48.14 -26.37 27.94
CA GLN A 220 47.50 -25.33 27.15
C GLN A 220 47.65 -25.60 25.66
N PHE A 221 48.77 -26.20 25.26
CA PHE A 221 48.92 -26.77 23.92
C PHE A 221 47.75 -27.70 23.61
N THR A 222 47.58 -28.72 24.45
CA THR A 222 46.56 -29.73 24.23
C THR A 222 45.17 -29.15 24.31
N THR A 223 44.90 -28.35 25.34
CA THR A 223 43.56 -27.84 25.52
C THR A 223 43.22 -26.83 24.44
N ALA A 224 44.18 -26.03 24.02
CA ALA A 224 43.92 -25.06 22.96
C ALA A 224 43.63 -25.75 21.65
N VAL A 225 44.38 -26.80 21.32
CA VAL A 225 44.13 -27.43 20.03
C VAL A 225 42.82 -28.19 20.04
N VAL A 226 42.44 -28.79 21.18
CA VAL A 226 41.16 -29.47 21.17
C VAL A 226 40.02 -28.47 21.23
N VAL A 227 40.29 -27.27 21.77
CA VAL A 227 39.30 -26.20 21.72
C VAL A 227 39.04 -25.79 20.28
N VAL A 228 40.11 -25.59 19.51
CA VAL A 228 39.90 -25.07 18.17
C VAL A 228 39.33 -26.15 17.26
N CYS A 229 40.01 -27.29 17.13
CA CYS A 229 39.85 -28.11 15.93
C CYS A 229 38.45 -28.67 15.76
N LEU A 230 38.11 -29.66 16.58
CA LEU A 230 36.85 -30.38 16.40
C LEU A 230 35.68 -29.44 16.63
N LEU A 231 35.75 -28.67 17.71
CA LEU A 231 34.69 -27.77 18.11
C LEU A 231 34.38 -26.73 17.05
N ALA A 232 35.33 -25.84 16.79
CA ALA A 232 35.05 -24.72 15.93
C ALA A 232 34.85 -25.16 14.49
N ILE A 233 35.73 -26.04 13.98
CA ILE A 233 35.60 -26.47 12.59
C ILE A 233 34.29 -27.19 12.37
N GLY A 234 33.96 -28.17 13.22
CA GLY A 234 32.73 -28.91 13.03
C GLY A 234 31.50 -28.05 13.16
N SER A 235 31.49 -27.13 14.13
CA SER A 235 30.35 -26.25 14.31
C SER A 235 30.14 -25.38 13.09
N SER A 236 31.22 -24.78 12.60
CA SER A 236 31.14 -23.91 11.43
C SER A 236 30.66 -24.67 10.21
N LEU A 237 31.25 -25.85 9.95
CA LEU A 237 30.89 -26.60 8.77
C LEU A 237 29.45 -27.07 8.84
N ALA A 238 29.02 -27.51 10.02
CA ALA A 238 27.66 -28.00 10.18
C ALA A 238 26.66 -26.87 9.98
N ALA A 239 26.92 -25.72 10.58
CA ALA A 239 26.04 -24.57 10.42
C ALA A 239 25.95 -24.14 8.97
N GLY A 240 27.09 -24.17 8.27
CA GLY A 240 27.10 -23.75 6.89
C GLY A 240 26.29 -24.67 6.00
N ILE A 241 26.56 -25.97 6.07
CA ILE A 241 25.83 -26.89 5.22
C ILE A 241 24.36 -26.94 5.61
N ARG A 242 24.06 -26.65 6.88
CA ARG A 242 22.70 -26.60 7.36
C ARG A 242 21.93 -25.47 6.70
N GLY A 243 22.48 -24.26 6.78
CA GLY A 243 21.86 -23.13 6.12
C GLY A 243 21.73 -23.33 4.62
N GLY A 244 22.71 -23.98 4.01
CA GLY A 244 22.65 -24.23 2.58
C GLY A 244 21.47 -25.09 2.19
N ILE A 245 21.33 -26.25 2.84
CA ILE A 245 20.22 -27.11 2.45
C ILE A 245 18.89 -26.54 2.91
N PHE A 246 18.89 -25.70 3.94
CA PHE A 246 17.66 -25.01 4.28
C PHE A 246 17.24 -24.04 3.18
N THR A 247 18.20 -23.36 2.56
CA THR A 247 17.83 -22.52 1.43
C THR A 247 17.35 -23.34 0.24
N LEU A 248 17.94 -24.52 0.04
CA LEU A 248 17.43 -25.43 -0.98
C LEU A 248 15.96 -25.76 -0.75
N VAL A 249 15.63 -26.18 0.47
CA VAL A 249 14.26 -26.61 0.70
C VAL A 249 13.33 -25.41 0.70
N PHE A 250 13.84 -24.22 1.02
CA PHE A 250 13.06 -22.99 0.88
C PHE A 250 12.65 -22.78 -0.57
N ALA A 251 13.63 -22.87 -1.47
CA ALA A 251 13.33 -22.74 -2.90
C ALA A 251 12.31 -23.78 -3.35
N ARG A 252 12.52 -25.03 -2.99
CA ARG A 252 11.65 -26.10 -3.47
C ARG A 252 10.23 -25.95 -2.93
N LEU A 253 10.11 -25.57 -1.67
CA LEU A 253 8.79 -25.36 -1.09
C LEU A 253 8.05 -24.23 -1.78
N ASN A 254 8.74 -23.10 -1.98
CA ASN A 254 8.09 -21.97 -2.62
C ASN A 254 7.62 -22.33 -4.02
N ILE A 255 8.45 -23.07 -4.76
CA ILE A 255 8.09 -23.47 -6.12
C ILE A 255 6.85 -24.34 -6.11
N ARG A 256 6.87 -25.43 -5.35
CA ARG A 256 5.77 -26.39 -5.43
C ARG A 256 4.48 -25.78 -4.90
N LEU A 257 4.58 -24.96 -3.86
CA LEU A 257 3.37 -24.40 -3.28
C LEU A 257 2.75 -23.36 -4.20
N ARG A 258 3.59 -22.48 -4.78
CA ARG A 258 3.06 -21.47 -5.69
C ARG A 258 2.45 -22.10 -6.93
N ASN A 259 3.12 -23.14 -7.46
CA ASN A 259 2.59 -23.83 -8.63
C ASN A 259 1.25 -24.47 -8.33
N CYS A 260 1.12 -25.11 -7.17
CA CYS A 260 -0.14 -25.79 -6.87
C CYS A 260 -1.26 -24.79 -6.62
N LEU A 261 -0.97 -23.68 -5.95
CA LEU A 261 -2.00 -22.67 -5.73
C LEU A 261 -2.49 -22.10 -7.04
N PHE A 262 -1.57 -21.73 -7.92
CA PHE A 262 -2.00 -21.13 -9.18
C PHE A 262 -2.71 -22.15 -10.06
N ARG A 263 -2.27 -23.41 -10.03
CA ARG A 263 -2.92 -24.45 -10.80
C ARG A 263 -4.34 -24.67 -10.33
N SER A 264 -4.57 -24.62 -9.02
CA SER A 264 -5.92 -24.76 -8.51
C SER A 264 -6.75 -23.53 -8.79
N LEU A 265 -6.12 -22.36 -8.77
CA LEU A 265 -6.87 -21.12 -8.65
C LEU A 265 -7.63 -20.79 -9.93
N VAL A 266 -7.03 -21.04 -11.08
CA VAL A 266 -7.64 -20.64 -12.34
C VAL A 266 -8.82 -21.52 -12.72
N SER A 267 -9.05 -22.62 -12.01
CA SER A 267 -10.04 -23.60 -12.39
C SER A 267 -11.39 -23.36 -11.76
N GLN A 268 -11.76 -22.11 -11.51
CA GLN A 268 -12.95 -21.78 -10.76
C GLN A 268 -13.94 -21.04 -11.65
N GLU A 269 -15.17 -20.91 -11.14
CA GLU A 269 -16.20 -20.19 -11.86
C GLU A 269 -15.94 -18.69 -11.82
N THR A 270 -16.56 -17.99 -12.76
CA THR A 270 -16.38 -16.55 -12.85
C THR A 270 -16.89 -15.83 -11.62
N SER A 271 -17.94 -16.39 -11.00
CA SER A 271 -18.56 -15.77 -9.83
C SER A 271 -17.56 -15.59 -8.71
N PHE A 272 -16.60 -16.52 -8.60
CA PHE A 272 -15.50 -16.35 -7.65
C PHE A 272 -14.74 -15.07 -7.94
N PHE A 273 -14.55 -14.75 -9.21
CA PHE A 273 -13.81 -13.55 -9.56
C PHE A 273 -14.65 -12.31 -9.37
N ASP A 274 -15.97 -12.41 -9.55
CA ASP A 274 -16.80 -11.25 -9.26
C ASP A 274 -16.87 -10.97 -7.77
N GLU A 275 -16.86 -12.02 -6.95
CA GLU A 275 -16.99 -11.82 -5.52
C GLU A 275 -15.73 -11.20 -4.92
N ASN A 276 -14.57 -11.74 -5.29
CA ASN A 276 -13.33 -11.32 -4.68
C ASN A 276 -12.63 -10.27 -5.53
N ARG A 277 -11.92 -9.37 -4.86
CA ARG A 277 -11.10 -8.43 -5.59
C ARG A 277 -9.89 -9.14 -6.19
N THR A 278 -9.25 -8.48 -7.15
CA THR A 278 -8.17 -9.11 -7.90
C THR A 278 -6.81 -8.89 -7.27
N GLY A 279 -6.47 -7.64 -6.98
CA GLY A 279 -5.18 -7.35 -6.35
C GLY A 279 -5.00 -8.02 -5.01
N ASP A 280 -6.11 -8.21 -4.29
CA ASP A 280 -6.06 -9.01 -3.08
C ASP A 280 -5.59 -10.42 -3.37
N LEU A 281 -6.01 -10.99 -4.49
CA LEU A 281 -5.67 -12.36 -4.79
C LEU A 281 -4.18 -12.51 -5.09
N ILE A 282 -3.64 -11.62 -5.93
CA ILE A 282 -2.22 -11.74 -6.26
C ILE A 282 -1.35 -11.39 -5.07
N SER A 283 -1.80 -10.45 -4.22
CA SER A 283 -1.04 -10.17 -3.01
C SER A 283 -1.03 -11.36 -2.10
N ARG A 284 -2.19 -12.02 -1.96
CA ARG A 284 -2.29 -13.28 -1.23
C ARG A 284 -1.29 -14.28 -1.76
N LEU A 285 -1.29 -14.49 -3.07
CA LEU A 285 -0.40 -15.44 -3.72
C LEU A 285 1.07 -15.17 -3.39
N THR A 286 1.58 -14.03 -3.84
CA THR A 286 3.00 -13.74 -3.69
C THR A 286 3.41 -13.65 -2.22
N SER A 287 2.76 -12.75 -1.48
CA SER A 287 3.18 -12.46 -0.12
C SER A 287 3.03 -13.69 0.78
N ASP A 288 1.91 -14.41 0.69
CA ASP A 288 1.72 -15.53 1.59
C ASP A 288 2.55 -16.74 1.20
N THR A 289 2.85 -16.94 -0.08
CA THR A 289 3.80 -17.98 -0.43
C THR A 289 5.16 -17.69 0.18
N THR A 290 5.64 -16.45 0.04
CA THR A 290 6.91 -16.10 0.68
C THR A 290 6.83 -16.20 2.19
N MET A 291 5.67 -15.88 2.76
CA MET A 291 5.53 -15.94 4.21
C MET A 291 5.64 -17.37 4.72
N VAL A 292 4.91 -18.30 4.11
CA VAL A 292 4.96 -19.67 4.63
C VAL A 292 6.27 -20.33 4.29
N SER A 293 6.90 -19.94 3.18
CA SER A 293 8.21 -20.49 2.89
C SER A 293 9.24 -20.00 3.89
N ASP A 294 9.13 -18.74 4.30
CA ASP A 294 9.98 -18.22 5.37
C ASP A 294 9.68 -18.95 6.67
N LEU A 295 8.41 -19.26 6.91
CA LEU A 295 8.02 -19.95 8.14
C LEU A 295 8.70 -21.31 8.25
N VAL A 296 8.67 -22.09 7.19
CA VAL A 296 9.29 -23.40 7.26
C VAL A 296 10.82 -23.27 7.24
N SER A 297 11.33 -22.31 6.48
CA SER A 297 12.78 -22.27 6.26
C SER A 297 13.55 -21.69 7.42
N GLN A 298 13.07 -20.61 8.01
CA GLN A 298 13.87 -19.78 8.89
C GLN A 298 13.46 -19.86 10.34
N ASN A 299 12.18 -19.63 10.63
CA ASN A 299 11.74 -19.40 11.99
C ASN A 299 11.75 -20.68 12.80
N ILE A 300 11.12 -21.73 12.26
CA ILE A 300 11.13 -23.04 12.91
C ILE A 300 12.57 -23.53 13.10
N ASN A 301 13.40 -23.29 12.09
CA ASN A 301 14.80 -23.67 12.11
C ASN A 301 15.52 -23.07 13.30
N ILE A 302 15.56 -21.73 13.37
CA ILE A 302 16.30 -21.10 14.44
C ILE A 302 15.64 -21.32 15.78
N PHE A 303 14.33 -21.57 15.80
CA PHE A 303 13.65 -21.87 17.05
C PHE A 303 14.16 -23.18 17.64
N LEU A 304 14.16 -24.23 16.83
CA LEU A 304 14.68 -25.51 17.28
C LEU A 304 16.14 -25.40 17.69
N ARG A 305 16.91 -24.64 16.92
CA ARG A 305 18.32 -24.40 17.24
C ARG A 305 18.49 -23.83 18.63
N ASN A 306 17.77 -22.76 18.93
CA ASN A 306 17.96 -22.12 20.21
C ASN A 306 17.41 -22.95 21.35
N THR A 307 16.34 -23.72 21.13
CA THR A 307 15.83 -24.53 22.23
C THR A 307 16.79 -25.66 22.59
N VAL A 308 17.36 -26.33 21.59
CA VAL A 308 18.27 -27.40 21.96
C VAL A 308 19.53 -26.81 22.59
N LYS A 309 19.93 -25.62 22.13
CA LYS A 309 21.08 -24.96 22.74
C LYS A 309 20.84 -24.67 24.21
N VAL A 310 19.70 -24.06 24.54
CA VAL A 310 19.48 -23.65 25.91
C VAL A 310 19.27 -24.86 26.82
N THR A 311 18.71 -25.95 26.29
CA THR A 311 18.62 -27.15 27.10
C THR A 311 19.99 -27.72 27.41
N GLY A 312 20.90 -27.68 26.43
CA GLY A 312 22.27 -28.09 26.71
C GLY A 312 22.93 -27.22 27.77
N VAL A 313 22.66 -25.92 27.73
CA VAL A 313 23.25 -25.03 28.72
C VAL A 313 22.76 -25.35 30.12
N VAL A 314 21.44 -25.53 30.27
CA VAL A 314 20.94 -25.77 31.62
C VAL A 314 21.36 -27.15 32.11
N VAL A 315 21.60 -28.09 31.19
CA VAL A 315 22.21 -29.35 31.56
C VAL A 315 23.59 -29.11 32.18
N PHE A 316 24.40 -28.28 31.52
CA PHE A 316 25.71 -28.00 32.10
C PHE A 316 25.62 -27.24 33.41
N MET A 317 24.55 -26.47 33.59
CA MET A 317 24.40 -25.76 34.85
C MET A 317 24.08 -26.71 35.99
N PHE A 318 23.20 -27.67 35.74
CA PHE A 318 22.96 -28.66 36.79
C PHE A 318 24.13 -29.62 36.96
N SER A 319 25.04 -29.70 35.98
CA SER A 319 26.22 -30.54 36.22
C SER A 319 27.27 -29.80 37.03
N LEU A 320 27.47 -28.52 36.77
CA LEU A 320 28.59 -27.82 37.38
C LEU A 320 28.34 -27.49 38.85
N SER A 321 27.36 -26.61 39.11
CA SER A 321 27.04 -26.20 40.47
C SER A 321 25.53 -26.09 40.59
N TRP A 322 24.94 -26.99 41.35
CA TRP A 322 23.53 -26.87 41.66
C TRP A 322 23.25 -25.60 42.44
N GLN A 323 24.19 -25.21 43.30
CA GLN A 323 24.12 -23.96 44.04
C GLN A 323 23.96 -22.78 43.10
N LEU A 324 24.96 -22.57 42.24
CA LEU A 324 24.99 -21.40 41.37
C LEU A 324 23.83 -21.39 40.40
N SER A 325 23.46 -22.56 39.87
CA SER A 325 22.35 -22.62 38.94
C SER A 325 21.04 -22.30 39.62
N LEU A 326 20.87 -22.76 40.87
CA LEU A 326 19.68 -22.39 41.63
C LEU A 326 19.63 -20.90 41.88
N VAL A 327 20.79 -20.28 42.16
CA VAL A 327 20.82 -18.83 42.38
C VAL A 327 20.40 -18.08 41.14
N THR A 328 21.02 -18.41 40.00
CA THR A 328 20.69 -17.66 38.80
C THR A 328 19.27 -17.98 38.32
N PHE A 329 18.73 -19.13 38.67
CA PHE A 329 17.40 -19.48 38.23
C PHE A 329 16.32 -19.00 39.17
N MET A 330 16.65 -18.60 40.40
CA MET A 330 15.68 -17.78 41.10
C MET A 330 15.85 -16.32 40.75
N GLY A 331 17.03 -15.94 40.26
CA GLY A 331 17.25 -14.56 39.85
C GLY A 331 16.50 -14.17 38.59
N PHE A 332 16.87 -14.79 37.47
CA PHE A 332 16.38 -14.47 36.13
C PHE A 332 14.87 -14.22 35.97
N PRO A 333 13.98 -15.01 36.60
CA PRO A 333 12.56 -14.72 36.42
C PRO A 333 12.13 -13.40 37.01
N ILE A 334 12.81 -12.91 38.05
CA ILE A 334 12.48 -11.59 38.58
C ILE A 334 12.75 -10.53 37.53
N ILE A 335 13.91 -10.64 36.87
CA ILE A 335 14.26 -9.74 35.77
C ILE A 335 13.21 -9.80 34.68
N MET A 336 12.86 -11.03 34.26
CA MET A 336 11.90 -11.20 33.18
C MET A 336 10.55 -10.60 33.55
N MET A 337 10.12 -10.79 34.79
CA MET A 337 8.82 -10.31 35.23
C MET A 337 8.76 -8.79 35.24
N VAL A 338 9.75 -8.15 35.88
CA VAL A 338 9.67 -6.69 35.98
C VAL A 338 9.88 -6.05 34.63
N SER A 339 10.72 -6.65 33.78
CA SER A 339 10.94 -6.10 32.45
C SER A 339 9.68 -6.22 31.60
N ASN A 340 8.99 -7.36 31.68
CA ASN A 340 7.74 -7.50 30.93
C ASN A 340 6.68 -6.53 31.42
N ILE A 341 6.60 -6.34 32.74
CA ILE A 341 5.62 -5.42 33.32
C ILE A 341 5.84 -4.01 32.81
N TYR A 342 7.06 -3.51 32.99
CA TYR A 342 7.30 -2.11 32.64
C TYR A 342 7.34 -1.92 31.13
N GLY A 343 7.74 -2.95 30.37
CA GLY A 343 7.72 -2.84 28.93
C GLY A 343 6.33 -2.81 28.36
N LYS A 344 5.41 -3.61 28.94
CA LYS A 344 4.02 -3.55 28.50
C LYS A 344 3.41 -2.20 28.84
N TYR A 345 3.73 -1.66 30.02
CA TYR A 345 3.34 -0.30 30.38
C TYR A 345 3.80 0.70 29.33
N TYR A 346 5.09 0.65 29.00
CA TYR A 346 5.71 1.56 28.04
C TYR A 346 5.06 1.46 26.67
N LYS A 347 4.93 0.23 26.17
CA LYS A 347 4.38 0.02 24.83
C LYS A 347 2.94 0.46 24.75
N ARG A 348 2.17 0.23 25.82
CA ARG A 348 0.78 0.67 25.85
C ARG A 348 0.68 2.19 25.77
N LEU A 349 1.54 2.89 26.51
CA LEU A 349 1.48 4.34 26.47
C LEU A 349 1.88 4.89 25.11
N SER A 350 2.93 4.31 24.51
CA SER A 350 3.33 4.76 23.18
C SER A 350 2.25 4.47 22.14
N LYS A 351 1.53 3.37 22.31
CA LYS A 351 0.43 3.08 21.38
C LYS A 351 -0.69 4.10 21.53
N GLU A 352 -0.95 4.56 22.75
CA GLU A 352 -1.94 5.62 22.92
C GLU A 352 -1.49 6.90 22.21
N VAL A 353 -0.20 7.22 22.31
CA VAL A 353 0.34 8.38 21.62
C VAL A 353 0.13 8.26 20.12
N GLN A 354 0.45 7.09 19.57
CA GLN A 354 0.26 6.83 18.15
C GLN A 354 -1.20 6.99 17.76
N SER A 355 -2.11 6.53 18.61
CA SER A 355 -3.54 6.60 18.31
C SER A 355 -4.01 8.05 18.25
N ALA A 356 -3.58 8.87 19.20
CA ALA A 356 -4.00 10.26 19.20
C ALA A 356 -3.46 11.01 17.98
N LEU A 357 -2.19 10.75 17.64
CA LEU A 357 -1.63 11.37 16.45
C LEU A 357 -2.37 10.94 15.20
N ALA A 358 -2.77 9.66 15.14
CA ALA A 358 -3.54 9.17 14.02
C ALA A 358 -4.89 9.87 13.93
N ARG A 359 -5.50 10.14 15.08
CA ARG A 359 -6.78 10.85 15.12
C ARG A 359 -6.66 12.24 14.51
N ALA A 360 -5.64 12.98 14.95
CA ALA A 360 -5.46 14.33 14.45
C ALA A 360 -5.15 14.34 12.96
N SER A 361 -4.33 13.38 12.51
CA SER A 361 -4.02 13.31 11.09
C SER A 361 -5.24 12.95 10.27
N THR A 362 -6.12 12.13 10.82
CA THR A 362 -7.35 11.80 10.10
C THR A 362 -8.23 13.03 9.93
N THR A 363 -8.30 13.85 10.97
CA THR A 363 -9.04 15.11 10.85
C THR A 363 -8.45 15.99 9.75
N ALA A 364 -7.13 16.13 9.74
CA ALA A 364 -6.47 16.98 8.75
C ALA A 364 -6.68 16.43 7.34
N GLU A 365 -6.64 15.10 7.19
CA GLU A 365 -6.86 14.49 5.90
C GLU A 365 -8.28 14.76 5.40
N GLU A 366 -9.25 14.67 6.32
CA GLU A 366 -10.63 14.94 5.92
C GLU A 366 -10.81 16.39 5.49
N THR A 367 -10.07 17.30 6.12
CA THR A 367 -10.09 18.69 5.65
C THR A 367 -9.51 18.81 4.25
N ILE A 368 -8.30 18.27 4.06
CA ILE A 368 -7.58 18.52 2.81
C ILE A 368 -8.20 17.75 1.64
N SER A 369 -9.04 16.76 1.94
CA SER A 369 -9.64 15.92 0.91
C SER A 369 -10.48 16.72 -0.08
N ALA A 370 -11.59 17.30 0.39
CA ALA A 370 -12.50 18.05 -0.47
C ALA A 370 -12.32 19.54 -0.27
N MET A 371 -11.07 19.97 -0.16
CA MET A 371 -10.75 21.25 0.47
C MET A 371 -11.28 22.45 -0.28
N LYS A 372 -11.65 22.30 -1.56
CA LYS A 372 -12.18 23.44 -2.28
C LYS A 372 -13.51 23.90 -1.69
N THR A 373 -14.28 22.97 -1.16
CA THR A 373 -15.47 23.34 -0.41
C THR A 373 -15.12 24.13 0.83
N VAL A 374 -13.96 23.87 1.42
CA VAL A 374 -13.55 24.67 2.57
C VAL A 374 -13.12 26.06 2.12
N ARG A 375 -12.41 26.13 0.99
CA ARG A 375 -12.03 27.42 0.45
C ARG A 375 -13.23 28.24 0.03
N SER A 376 -14.34 27.57 -0.25
CA SER A 376 -15.59 28.28 -0.48
C SER A 376 -16.02 29.07 0.74
N PHE A 377 -15.63 28.64 1.93
CA PHE A 377 -16.08 29.28 3.15
C PHE A 377 -14.97 29.89 3.98
N ALA A 378 -13.71 29.70 3.57
CA ALA A 378 -12.54 30.32 4.20
C ALA A 378 -12.46 29.97 5.69
N ASN A 379 -12.27 28.69 5.94
CA ASN A 379 -12.22 28.19 7.29
C ASN A 379 -10.83 27.65 7.64
N GLU A 380 -9.86 27.86 6.75
CA GLU A 380 -8.62 27.09 6.73
C GLU A 380 -7.78 27.31 7.98
N GLU A 381 -7.58 28.57 8.34
CA GLU A 381 -6.78 28.87 9.52
C GLU A 381 -7.44 28.33 10.78
N GLU A 382 -8.77 28.22 10.80
CA GLU A 382 -9.41 27.57 11.93
C GLU A 382 -9.13 26.07 11.92
N GLU A 383 -8.97 25.48 10.74
CA GLU A 383 -8.56 24.08 10.70
C GLU A 383 -7.16 23.93 11.26
N ALA A 384 -6.29 24.89 10.96
CA ALA A 384 -4.97 24.90 11.59
C ALA A 384 -5.10 25.03 13.11
N GLU A 385 -6.05 25.83 13.56
CA GLU A 385 -6.22 26.04 15.00
C GLU A 385 -6.65 24.76 15.70
N VAL A 386 -7.65 24.07 15.15
CA VAL A 386 -8.11 22.85 15.81
C VAL A 386 -7.05 21.76 15.69
N PHE A 387 -6.28 21.77 14.59
CA PHE A 387 -5.17 20.84 14.46
C PHE A 387 -4.15 21.08 15.56
N LEU A 388 -3.84 22.34 15.83
CA LEU A 388 -2.89 22.68 16.87
C LEU A 388 -3.42 22.30 18.25
N ARG A 389 -4.73 22.41 18.45
CA ARG A 389 -5.31 22.01 19.74
C ARG A 389 -5.15 20.51 19.96
N LYS A 390 -5.45 19.72 18.94
CA LYS A 390 -5.25 18.27 19.03
C LYS A 390 -3.79 17.96 19.30
N LEU A 391 -2.87 18.67 18.66
CA LEU A 391 -1.46 18.39 18.88
C LEU A 391 -1.02 18.78 20.29
N GLN A 392 -1.60 19.84 20.84
CA GLN A 392 -1.25 20.20 22.22
C GLN A 392 -1.72 19.12 23.18
N GLN A 393 -2.89 18.56 22.93
CA GLN A 393 -3.34 17.42 23.73
C GLN A 393 -2.37 16.24 23.60
N VAL A 394 -1.87 16.02 22.39
CA VAL A 394 -0.89 14.96 22.16
C VAL A 394 0.37 15.19 23.00
N TYR A 395 0.84 16.43 23.01
CA TYR A 395 2.03 16.84 23.76
C TYR A 395 1.88 16.52 25.25
N LYS A 396 0.76 16.96 25.83
CA LYS A 396 0.52 16.72 27.25
C LYS A 396 0.37 15.25 27.55
N LEU A 397 -0.12 14.46 26.59
CA LEU A 397 -0.08 13.02 26.77
C LEU A 397 1.35 12.50 26.79
N ASN A 398 2.19 13.04 25.92
CA ASN A 398 3.49 12.43 25.64
C ASN A 398 4.46 12.55 26.82
N ARG A 399 4.36 13.63 27.60
CA ARG A 399 5.28 13.78 28.73
C ARG A 399 5.27 12.59 29.68
N LYS A 400 4.08 12.00 29.89
CA LYS A 400 3.96 10.88 30.82
C LYS A 400 4.74 9.66 30.34
N GLU A 401 4.60 9.31 29.06
CA GLU A 401 5.31 8.13 28.60
C GLU A 401 6.80 8.38 28.53
N ALA A 402 7.22 9.64 28.37
CA ALA A 402 8.64 9.94 28.53
C ALA A 402 9.13 9.54 29.92
N ALA A 403 8.40 9.96 30.95
CA ALA A 403 8.75 9.54 32.31
C ALA A 403 8.71 8.03 32.48
N ALA A 404 7.80 7.37 31.76
CA ALA A 404 7.69 5.91 31.86
C ALA A 404 8.94 5.24 31.32
N TYR A 405 9.43 5.71 30.16
CA TYR A 405 10.65 5.13 29.60
C TYR A 405 11.82 5.33 30.54
N MET A 406 11.88 6.51 31.14
CA MET A 406 12.88 6.81 32.18
C MET A 406 12.90 5.73 33.25
N SER A 407 11.73 5.50 33.86
CA SER A 407 11.66 4.55 34.97
C SER A 407 11.97 3.13 34.53
N TYR A 408 11.54 2.77 33.33
CA TYR A 408 11.75 1.41 32.84
C TYR A 408 13.23 1.10 32.68
N VAL A 409 13.96 2.00 32.01
CA VAL A 409 15.36 1.71 31.80
C VAL A 409 16.14 1.79 33.12
N TRP A 410 15.70 2.66 34.03
CA TRP A 410 16.28 2.71 35.38
C TRP A 410 16.20 1.36 36.06
N GLY A 411 14.99 0.81 36.13
CA GLY A 411 14.79 -0.44 36.85
C GLY A 411 15.55 -1.59 36.21
N SER A 412 15.53 -1.66 34.88
CA SER A 412 16.21 -2.76 34.20
C SER A 412 17.70 -2.73 34.49
N GLY A 413 18.30 -1.53 34.40
CA GLY A 413 19.74 -1.42 34.65
C GLY A 413 20.11 -1.81 36.07
N LEU A 414 19.38 -1.26 37.05
CA LEU A 414 19.74 -1.54 38.44
C LEU A 414 19.57 -3.01 38.78
N THR A 415 18.54 -3.64 38.20
CA THR A 415 18.28 -5.04 38.48
C THR A 415 19.38 -5.93 37.92
N LEU A 416 19.75 -5.71 36.66
CA LEU A 416 20.81 -6.54 36.08
C LEU A 416 22.12 -6.33 36.82
N LEU A 417 22.36 -5.10 37.28
CA LEU A 417 23.55 -4.81 38.07
C LEU A 417 23.58 -5.65 39.34
N VAL A 418 22.49 -5.60 40.13
CA VAL A 418 22.54 -6.22 41.44
C VAL A 418 22.60 -7.73 41.31
N VAL A 419 21.93 -8.31 40.31
CA VAL A 419 21.99 -9.75 40.20
C VAL A 419 23.38 -10.19 39.75
N GLN A 420 24.00 -9.43 38.83
CA GLN A 420 25.33 -9.81 38.36
C GLN A 420 26.37 -9.73 39.47
N VAL A 421 26.30 -8.68 40.29
CA VAL A 421 27.31 -8.56 41.34
C VAL A 421 27.08 -9.61 42.42
N SER A 422 25.83 -10.00 42.66
CA SER A 422 25.60 -11.08 43.62
C SER A 422 26.17 -12.39 43.10
N ILE A 423 26.01 -12.65 41.79
CA ILE A 423 26.63 -13.81 41.17
C ILE A 423 28.13 -13.81 41.41
N LEU A 424 28.78 -12.68 41.12
CA LEU A 424 30.23 -12.65 41.21
C LEU A 424 30.71 -12.81 42.65
N TYR A 425 30.02 -12.20 43.60
CA TYR A 425 30.43 -12.30 44.99
C TYR A 425 30.29 -13.73 45.50
N TYR A 426 29.15 -14.36 45.22
CA TYR A 426 28.95 -15.72 45.73
C TYR A 426 29.88 -16.71 45.04
N GLY A 427 30.15 -16.48 43.76
CA GLY A 427 31.10 -17.33 43.07
C GLY A 427 32.50 -17.18 43.62
N GLY A 428 32.89 -15.95 43.95
CA GLY A 428 34.19 -15.75 44.56
C GLY A 428 34.29 -16.45 45.91
N HIS A 429 33.22 -16.38 46.69
CA HIS A 429 33.19 -17.10 47.97
C HIS A 429 33.36 -18.60 47.74
N LEU A 430 32.67 -19.13 46.75
CA LEU A 430 32.77 -20.57 46.49
C LEU A 430 34.15 -20.97 46.02
N VAL A 431 34.79 -20.14 45.19
CA VAL A 431 36.06 -20.57 44.63
C VAL A 431 37.18 -20.41 45.66
N ILE A 432 37.15 -19.36 46.48
CA ILE A 432 38.20 -19.22 47.47
C ILE A 432 37.97 -20.13 48.66
N SER A 433 36.72 -20.50 48.93
CA SER A 433 36.48 -21.54 49.93
C SER A 433 36.86 -22.93 49.44
N GLY A 434 37.28 -23.06 48.18
CA GLY A 434 37.76 -24.34 47.69
C GLY A 434 36.64 -25.31 47.40
N GLN A 435 35.73 -24.93 46.51
CA GLN A 435 34.63 -25.79 46.10
C GLN A 435 34.74 -26.19 44.64
N MET A 436 34.94 -25.23 43.75
CA MET A 436 35.18 -25.49 42.34
C MET A 436 36.37 -24.67 41.87
N SER A 437 37.02 -25.15 40.80
CA SER A 437 38.14 -24.41 40.23
C SER A 437 37.63 -23.16 39.53
N SER A 438 38.57 -22.25 39.26
CA SER A 438 38.21 -20.94 38.73
C SER A 438 37.66 -21.04 37.31
N GLY A 439 38.22 -21.94 36.50
CA GLY A 439 37.75 -22.08 35.14
C GLY A 439 36.32 -22.55 35.06
N ASN A 440 35.87 -23.27 36.09
CA ASN A 440 34.45 -23.59 36.18
C ASN A 440 33.62 -22.32 36.25
N LEU A 441 34.05 -21.37 37.08
CA LEU A 441 33.34 -20.09 37.18
C LEU A 441 33.40 -19.33 35.88
N ILE A 442 34.55 -19.42 35.20
CA ILE A 442 34.74 -18.75 33.91
C ILE A 442 33.72 -19.26 32.92
N ALA A 443 33.71 -20.58 32.72
CA ALA A 443 32.76 -21.21 31.82
C ALA A 443 31.34 -20.92 32.25
N PHE A 444 31.11 -20.84 33.56
CA PHE A 444 29.78 -20.59 34.09
C PHE A 444 29.24 -19.26 33.60
N ILE A 445 29.98 -18.19 33.85
CA ILE A 445 29.48 -16.87 33.46
C ILE A 445 29.42 -16.73 31.95
N ILE A 446 30.32 -17.42 31.24
CA ILE A 446 30.22 -17.47 29.78
C ILE A 446 28.88 -18.06 29.37
N TYR A 447 28.51 -19.15 30.01
CA TYR A 447 27.26 -19.80 29.69
C TYR A 447 26.06 -18.95 30.07
N GLU A 448 26.19 -18.14 31.13
CA GLU A 448 25.09 -17.25 31.47
C GLU A 448 24.86 -16.23 30.37
N PHE A 449 25.94 -15.66 29.83
CA PHE A 449 25.76 -14.68 28.78
C PHE A 449 25.19 -15.31 27.52
N VAL A 450 25.65 -16.52 27.18
CA VAL A 450 25.10 -17.12 25.97
C VAL A 450 23.65 -17.54 26.18
N LEU A 451 23.28 -17.87 27.43
CA LEU A 451 21.90 -18.21 27.72
C LEU A 451 21.01 -17.00 27.54
N GLY A 452 21.45 -15.85 28.07
CA GLY A 452 20.69 -14.63 27.88
C GLY A 452 20.52 -14.27 26.41
N ASP A 453 21.57 -14.48 25.62
CA ASP A 453 21.48 -14.23 24.19
C ASP A 453 20.43 -15.11 23.53
N CYS A 454 20.47 -16.41 23.81
CA CYS A 454 19.52 -17.31 23.16
C CYS A 454 18.08 -17.04 23.62
N MET A 455 17.90 -16.69 24.88
CA MET A 455 16.57 -16.39 25.37
C MET A 455 16.01 -15.15 24.71
N GLU A 456 16.82 -14.11 24.55
CA GLU A 456 16.37 -12.92 23.86
C GLU A 456 16.04 -13.22 22.42
N SER A 457 16.82 -14.10 21.78
CA SER A 457 16.58 -14.43 20.38
C SER A 457 15.24 -15.13 20.20
N VAL A 458 14.97 -16.14 21.03
CA VAL A 458 13.72 -16.88 20.85
C VAL A 458 12.52 -16.00 21.21
N GLY A 459 12.67 -15.16 22.24
CA GLY A 459 11.61 -14.23 22.57
C GLY A 459 11.37 -13.20 21.50
N SER A 460 12.40 -12.89 20.70
CA SER A 460 12.20 -12.02 19.55
C SER A 460 11.42 -12.74 18.46
N VAL A 461 11.83 -13.96 18.12
CA VAL A 461 11.30 -14.56 16.90
C VAL A 461 9.96 -15.24 17.07
N TYR A 462 9.52 -15.47 18.31
CA TYR A 462 8.25 -16.16 18.53
C TYR A 462 7.08 -15.40 17.93
N SER A 463 7.06 -14.08 18.07
CA SER A 463 5.94 -13.28 17.57
C SER A 463 5.90 -13.28 16.05
N GLY A 464 7.08 -13.20 15.41
CA GLY A 464 7.11 -13.29 13.96
C GLY A 464 6.63 -14.65 13.47
N LEU A 465 6.98 -15.71 14.20
CA LEU A 465 6.46 -17.03 13.87
C LEU A 465 4.94 -17.08 13.99
N MET A 466 4.42 -16.47 15.05
CA MET A 466 2.97 -16.45 15.24
C MET A 466 2.27 -15.68 14.14
N GLN A 467 2.88 -14.57 13.71
CA GLN A 467 2.34 -13.83 12.56
C GLN A 467 2.36 -14.68 11.31
N GLY A 468 3.43 -15.44 11.10
CA GLY A 468 3.51 -16.28 9.92
C GLY A 468 2.44 -17.36 9.90
N VAL A 469 2.25 -18.04 11.04
CA VAL A 469 1.27 -19.12 11.05
C VAL A 469 -0.14 -18.55 10.98
N GLY A 470 -0.35 -17.34 11.48
CA GLY A 470 -1.62 -16.67 11.25
C GLY A 470 -1.83 -16.35 9.79
N ALA A 471 -0.74 -15.98 9.10
CA ALA A 471 -0.84 -15.68 7.68
C ALA A 471 -0.99 -16.94 6.84
N ALA A 472 -0.66 -18.10 7.39
CA ALA A 472 -0.60 -19.31 6.58
C ALA A 472 -1.96 -19.79 6.13
N GLU A 473 -2.99 -19.63 6.97
CA GLU A 473 -4.27 -20.26 6.69
C GLU A 473 -5.03 -19.58 5.57
N LYS A 474 -4.63 -18.38 5.16
CA LYS A 474 -5.33 -17.70 4.07
C LYS A 474 -5.15 -18.40 2.74
N VAL A 475 -4.20 -19.31 2.63
CA VAL A 475 -3.92 -19.98 1.36
C VAL A 475 -4.81 -21.20 1.17
N PHE A 476 -4.97 -21.97 2.22
CA PHE A 476 -5.57 -23.28 2.08
C PHE A 476 -7.08 -23.22 1.88
N GLU A 477 -7.72 -22.10 2.26
CA GLU A 477 -9.14 -21.94 1.98
C GLU A 477 -9.43 -21.92 0.49
N PHE A 478 -8.47 -21.50 -0.32
CA PHE A 478 -8.62 -21.50 -1.75
C PHE A 478 -7.79 -22.55 -2.43
N ILE A 479 -6.93 -23.26 -1.68
CA ILE A 479 -6.15 -24.33 -2.27
C ILE A 479 -7.05 -25.40 -2.88
N ASP A 480 -8.14 -25.72 -2.22
CA ASP A 480 -8.95 -26.84 -2.67
C ASP A 480 -10.43 -26.55 -2.60
N ARG A 481 -10.82 -25.29 -2.84
CA ARG A 481 -12.23 -24.95 -2.92
C ARG A 481 -12.87 -25.67 -4.09
N GLN A 482 -14.03 -26.25 -3.86
CA GLN A 482 -14.69 -27.03 -4.88
C GLN A 482 -15.38 -26.13 -5.89
N PRO A 483 -15.05 -26.21 -7.17
CA PRO A 483 -15.81 -25.47 -8.18
C PRO A 483 -17.16 -26.12 -8.39
N THR A 484 -18.10 -25.31 -8.92
CA THR A 484 -19.47 -25.79 -9.03
C THR A 484 -19.66 -26.69 -10.25
N MET A 485 -19.44 -26.15 -11.44
CA MET A 485 -19.69 -26.89 -12.67
C MET A 485 -18.38 -27.21 -13.37
N VAL A 486 -18.25 -28.44 -13.81
CA VAL A 486 -17.08 -28.91 -14.52
C VAL A 486 -17.44 -29.00 -16.00
N HIS A 487 -16.42 -28.99 -16.85
CA HIS A 487 -16.63 -29.12 -18.28
C HIS A 487 -16.71 -30.60 -18.66
N ASP A 488 -17.62 -31.34 -18.02
CA ASP A 488 -17.75 -32.77 -18.24
C ASP A 488 -18.25 -33.11 -19.63
N GLY A 489 -18.99 -32.20 -20.28
CA GLY A 489 -19.49 -32.48 -21.61
C GLY A 489 -18.36 -32.53 -22.62
N SER A 490 -18.46 -33.49 -23.54
CA SER A 490 -17.40 -33.70 -24.52
C SER A 490 -18.05 -34.16 -25.83
N LEU A 491 -18.05 -33.26 -26.82
CA LEU A 491 -18.51 -33.62 -28.15
C LEU A 491 -17.89 -32.65 -29.13
N ALA A 492 -17.37 -33.19 -30.23
CA ALA A 492 -16.69 -32.39 -31.24
C ALA A 492 -16.99 -32.95 -32.61
N PRO A 493 -18.08 -32.52 -33.24
CA PRO A 493 -18.30 -32.87 -34.64
C PRO A 493 -17.29 -32.20 -35.54
N ASP A 494 -17.17 -32.74 -36.75
CA ASP A 494 -16.23 -32.19 -37.72
C ASP A 494 -16.66 -30.79 -38.18
N HIS A 495 -17.97 -30.56 -38.28
CA HIS A 495 -18.51 -29.28 -38.70
C HIS A 495 -19.94 -29.18 -38.17
N LEU A 496 -20.65 -28.15 -38.61
CA LEU A 496 -22.02 -27.91 -38.17
C LEU A 496 -22.66 -26.96 -39.16
N GLU A 497 -23.94 -26.67 -38.93
CA GLU A 497 -24.69 -25.73 -39.72
C GLU A 497 -24.78 -24.35 -39.08
N GLY A 498 -24.44 -24.24 -37.81
CA GLY A 498 -24.55 -22.98 -37.11
C GLY A 498 -25.97 -22.61 -36.80
N ARG A 499 -26.69 -23.50 -36.11
CA ARG A 499 -28.07 -23.27 -35.72
C ARG A 499 -28.12 -23.08 -34.21
N VAL A 500 -28.42 -21.86 -33.79
CA VAL A 500 -28.45 -21.50 -32.38
C VAL A 500 -29.88 -21.07 -32.06
N ASP A 501 -30.36 -21.43 -30.88
CA ASP A 501 -31.73 -21.10 -30.50
C ASP A 501 -31.81 -20.84 -29.01
N PHE A 502 -32.61 -19.84 -28.64
CA PHE A 502 -32.94 -19.56 -27.26
C PHE A 502 -34.27 -20.22 -26.90
N GLU A 503 -34.45 -20.50 -25.61
CA GLU A 503 -35.60 -21.27 -25.18
C GLU A 503 -35.98 -20.85 -23.76
N ASN A 504 -36.92 -19.90 -23.68
CA ASN A 504 -37.59 -19.41 -22.45
C ASN A 504 -36.67 -19.30 -21.24
N VAL A 505 -35.59 -18.56 -21.41
CA VAL A 505 -34.53 -18.50 -20.42
C VAL A 505 -34.74 -17.33 -19.47
N THR A 506 -34.44 -17.56 -18.19
CA THR A 506 -34.72 -16.61 -17.11
C THR A 506 -33.49 -16.46 -16.20
N PHE A 507 -32.33 -16.18 -16.79
CA PHE A 507 -31.10 -16.05 -16.01
C PHE A 507 -31.18 -14.89 -15.02
N THR A 508 -30.52 -15.07 -13.88
CA THR A 508 -30.24 -14.00 -12.93
C THR A 508 -28.82 -14.17 -12.43
N TYR A 509 -28.20 -13.06 -12.01
CA TYR A 509 -26.92 -13.13 -11.32
C TYR A 509 -27.04 -13.93 -10.04
N ARG A 510 -26.03 -14.76 -9.78
CA ARG A 510 -26.02 -15.52 -8.54
C ARG A 510 -25.67 -14.64 -7.35
N THR A 511 -24.91 -13.57 -7.58
CA THR A 511 -24.44 -12.74 -6.48
C THR A 511 -25.57 -11.95 -5.82
N ARG A 512 -26.66 -11.70 -6.53
CA ARG A 512 -27.78 -10.92 -5.99
C ARG A 512 -29.08 -11.49 -6.53
N PRO A 513 -29.60 -12.54 -5.88
CA PRO A 513 -30.73 -13.28 -6.44
C PRO A 513 -32.08 -12.62 -6.31
N HIS A 514 -32.12 -11.37 -5.84
CA HIS A 514 -33.39 -10.66 -5.74
C HIS A 514 -33.94 -10.29 -7.11
N THR A 515 -33.07 -9.87 -8.02
CA THR A 515 -33.50 -9.24 -9.24
C THR A 515 -33.92 -10.29 -10.27
N GLN A 516 -34.29 -9.80 -11.45
CA GLN A 516 -34.63 -10.66 -12.59
C GLN A 516 -34.09 -9.96 -13.83
N VAL A 517 -32.86 -10.31 -14.21
CA VAL A 517 -32.25 -9.70 -15.40
C VAL A 517 -32.62 -10.43 -16.68
N LEU A 518 -33.37 -11.51 -16.59
CA LEU A 518 -33.81 -12.24 -17.77
C LEU A 518 -35.08 -12.99 -17.43
N GLN A 519 -35.99 -13.11 -18.41
CA GLN A 519 -37.28 -13.74 -18.16
C GLN A 519 -37.82 -14.29 -19.48
N ASN A 520 -37.69 -15.62 -19.65
CA ASN A 520 -38.46 -16.41 -20.61
C ASN A 520 -38.27 -15.90 -22.05
N VAL A 521 -37.05 -16.05 -22.53
CA VAL A 521 -36.66 -15.55 -23.84
C VAL A 521 -36.40 -16.72 -24.77
N SER A 522 -36.99 -16.66 -25.96
CA SER A 522 -36.82 -17.70 -26.97
C SER A 522 -36.71 -17.07 -28.34
N PHE A 523 -35.67 -17.44 -29.07
CA PHE A 523 -35.47 -17.04 -30.45
C PHE A 523 -34.39 -17.92 -31.06
N SER A 524 -34.56 -18.25 -32.34
CA SER A 524 -33.54 -19.02 -33.04
C SER A 524 -32.55 -18.07 -33.71
N LEU A 525 -31.57 -18.66 -34.38
CA LEU A 525 -30.55 -17.90 -35.10
C LEU A 525 -30.39 -18.50 -36.48
N SER A 526 -30.52 -17.67 -37.51
CA SER A 526 -30.52 -18.18 -38.87
C SER A 526 -29.11 -18.48 -39.32
N PRO A 527 -28.84 -19.69 -39.81
CA PRO A 527 -27.54 -19.98 -40.42
C PRO A 527 -27.30 -19.14 -41.65
N GLY A 528 -26.36 -18.21 -41.56
CA GLY A 528 -26.03 -17.35 -42.68
C GLY A 528 -26.42 -15.90 -42.47
N LYS A 529 -27.59 -15.65 -41.89
CA LYS A 529 -28.04 -14.28 -41.71
C LYS A 529 -27.29 -13.62 -40.55
N VAL A 530 -27.55 -12.33 -40.38
CA VAL A 530 -26.95 -11.53 -39.33
C VAL A 530 -28.06 -11.15 -38.36
N THR A 531 -28.12 -11.85 -37.24
CA THR A 531 -29.12 -11.56 -36.23
C THR A 531 -28.72 -10.31 -35.45
N ALA A 532 -29.67 -9.43 -35.23
CA ALA A 532 -29.42 -8.19 -34.52
C ALA A 532 -30.32 -8.08 -33.30
N LEU A 533 -29.82 -7.38 -32.28
CA LEU A 533 -30.58 -7.15 -31.06
C LEU A 533 -29.97 -5.96 -30.36
N VAL A 534 -30.80 -4.98 -30.03
CA VAL A 534 -30.39 -3.81 -29.27
C VAL A 534 -31.39 -3.63 -28.15
N GLY A 535 -30.89 -3.40 -26.94
CA GLY A 535 -31.75 -3.17 -25.81
C GLY A 535 -32.10 -1.71 -25.64
N PRO A 536 -32.81 -1.39 -24.56
CA PRO A 536 -33.18 0.01 -24.31
C PRO A 536 -32.12 0.76 -23.53
N SER A 537 -30.91 0.20 -23.49
CA SER A 537 -29.72 0.67 -22.78
C SER A 537 -29.87 0.66 -21.27
N GLY A 538 -30.98 0.16 -20.73
CA GLY A 538 -31.11 0.06 -19.30
C GLY A 538 -31.33 -1.37 -18.85
N SER A 539 -31.96 -2.17 -19.69
CA SER A 539 -32.31 -3.53 -19.33
C SER A 539 -31.19 -4.48 -19.75
N GLY A 540 -31.49 -5.77 -19.74
CA GLY A 540 -30.53 -6.79 -20.13
C GLY A 540 -30.09 -6.67 -21.58
N LYS A 541 -28.86 -6.25 -21.76
CA LYS A 541 -28.27 -6.08 -23.09
C LYS A 541 -26.96 -6.84 -23.22
N SER A 542 -26.12 -6.82 -22.20
CA SER A 542 -24.79 -7.43 -22.22
C SER A 542 -24.77 -8.72 -21.44
N SER A 543 -25.85 -9.49 -21.53
CA SER A 543 -26.04 -10.70 -20.74
C SER A 543 -26.04 -11.96 -21.57
N CYS A 544 -26.68 -11.90 -22.75
CA CYS A 544 -26.65 -13.04 -23.66
C CYS A 544 -25.22 -13.35 -24.08
N VAL A 545 -24.36 -12.34 -24.10
CA VAL A 545 -22.95 -12.54 -24.35
C VAL A 545 -22.32 -13.40 -23.26
N ASN A 546 -22.85 -13.34 -22.04
CA ASN A 546 -22.32 -14.19 -20.99
C ASN A 546 -22.96 -15.57 -21.04
N ILE A 547 -24.19 -15.63 -21.52
CA ILE A 547 -24.85 -16.92 -21.69
C ILE A 547 -24.11 -17.76 -22.72
N LEU A 548 -23.77 -17.16 -23.85
CA LEU A 548 -23.26 -17.92 -24.97
C LEU A 548 -21.85 -18.45 -24.78
N GLU A 549 -21.20 -18.12 -23.67
CA GLU A 549 -19.83 -18.57 -23.43
C GLU A 549 -19.73 -19.52 -22.24
N ASN A 550 -20.88 -20.01 -21.75
CA ASN A 550 -20.94 -20.94 -20.62
C ASN A 550 -20.29 -20.36 -19.37
N PHE A 551 -20.31 -19.04 -19.23
CA PHE A 551 -19.66 -18.41 -18.11
C PHE A 551 -20.45 -18.52 -16.82
N TYR A 552 -21.69 -19.00 -16.89
CA TYR A 552 -22.55 -19.09 -15.73
C TYR A 552 -23.48 -20.27 -15.92
N PRO A 553 -24.09 -20.76 -14.85
CA PRO A 553 -25.29 -21.57 -15.01
C PRO A 553 -26.50 -20.66 -15.17
N LEU A 554 -27.58 -21.25 -15.68
CA LEU A 554 -28.79 -20.49 -15.96
C LEU A 554 -29.92 -20.99 -15.06
N GLN A 555 -30.82 -20.07 -14.72
CA GLN A 555 -31.90 -20.40 -13.80
C GLN A 555 -33.05 -21.09 -14.53
N GLY A 556 -33.66 -20.41 -15.49
CA GLY A 556 -34.73 -21.01 -16.25
C GLY A 556 -34.35 -21.20 -17.70
N GLY A 557 -35.10 -22.05 -18.39
CA GLY A 557 -34.81 -22.33 -19.78
C GLY A 557 -33.56 -23.16 -19.96
N ARG A 558 -33.21 -23.33 -21.23
CA ARG A 558 -32.00 -24.06 -21.61
C ARG A 558 -31.64 -23.68 -23.04
N VAL A 559 -30.39 -23.27 -23.25
CA VAL A 559 -29.94 -22.84 -24.57
C VAL A 559 -29.20 -24.00 -25.23
N LEU A 560 -29.62 -24.35 -26.43
CA LEU A 560 -29.04 -25.44 -27.18
C LEU A 560 -28.30 -24.93 -28.41
N LEU A 561 -27.34 -25.72 -28.86
CA LEU A 561 -26.70 -25.53 -30.15
C LEU A 561 -26.96 -26.79 -30.97
N ASP A 562 -27.62 -26.61 -32.12
CA ASP A 562 -27.95 -27.69 -33.04
C ASP A 562 -28.74 -28.80 -32.34
N GLY A 563 -29.60 -28.40 -31.40
CA GLY A 563 -30.35 -29.32 -30.58
C GLY A 563 -29.69 -29.67 -29.27
N LYS A 564 -28.38 -29.49 -29.17
CA LYS A 564 -27.71 -29.93 -27.95
C LYS A 564 -27.25 -28.73 -27.13
N PRO A 565 -27.41 -28.79 -25.83
CA PRO A 565 -26.98 -27.66 -24.98
C PRO A 565 -25.46 -27.56 -24.89
N ILE A 566 -25.00 -26.51 -24.21
CA ILE A 566 -23.58 -26.25 -24.09
C ILE A 566 -22.87 -27.29 -23.24
N GLY A 567 -23.60 -27.96 -22.35
CA GLY A 567 -23.02 -29.03 -21.57
C GLY A 567 -22.83 -30.33 -22.30
N ALA A 568 -22.96 -30.33 -23.62
CA ALA A 568 -22.77 -31.52 -24.44
C ALA A 568 -21.41 -31.55 -25.12
N TYR A 569 -20.94 -30.41 -25.61
CA TYR A 569 -19.75 -30.35 -26.41
C TYR A 569 -18.51 -30.19 -25.53
N ASP A 570 -17.35 -30.43 -26.12
CA ASP A 570 -16.11 -30.20 -25.43
C ASP A 570 -15.87 -28.70 -25.25
N HIS A 571 -15.36 -28.33 -24.07
CA HIS A 571 -15.16 -26.93 -23.74
C HIS A 571 -14.18 -26.26 -24.69
N LYS A 572 -13.03 -26.89 -24.92
CA LYS A 572 -12.05 -26.33 -25.84
C LYS A 572 -12.59 -26.31 -27.26
N TYR A 573 -13.34 -27.34 -27.65
CA TYR A 573 -13.97 -27.32 -28.95
C TYR A 573 -15.04 -26.25 -29.03
N LEU A 574 -15.73 -25.98 -27.92
CA LEU A 574 -16.71 -24.91 -27.90
C LEU A 574 -16.05 -23.56 -28.12
N HIS A 575 -14.91 -23.33 -27.48
CA HIS A 575 -14.21 -22.07 -27.72
C HIS A 575 -13.61 -22.04 -29.12
N ARG A 576 -13.30 -23.21 -29.67
CA ARG A 576 -12.80 -23.28 -31.04
C ARG A 576 -13.89 -22.87 -32.01
N VAL A 577 -15.14 -23.26 -31.75
CA VAL A 577 -16.19 -23.06 -32.74
C VAL A 577 -16.81 -21.67 -32.67
N ILE A 578 -16.74 -21.00 -31.52
CA ILE A 578 -17.32 -19.66 -31.38
C ILE A 578 -16.29 -18.77 -30.73
N SER A 579 -16.04 -17.62 -31.35
CA SER A 579 -15.13 -16.63 -30.80
C SER A 579 -15.94 -15.64 -29.96
N LEU A 580 -15.32 -14.52 -29.58
CA LEU A 580 -15.95 -13.47 -28.81
C LEU A 580 -15.06 -12.25 -28.85
N VAL A 581 -15.66 -11.07 -28.98
CA VAL A 581 -14.96 -9.82 -28.78
C VAL A 581 -15.71 -9.01 -27.74
N SER A 582 -14.95 -8.33 -26.88
CA SER A 582 -15.55 -7.47 -25.87
C SER A 582 -15.65 -6.05 -26.41
N GLN A 583 -15.97 -5.11 -25.53
CA GLN A 583 -15.91 -3.70 -25.87
C GLN A 583 -14.62 -3.04 -25.43
N GLU A 584 -13.97 -3.58 -24.40
CA GLU A 584 -12.68 -3.09 -23.91
C GLU A 584 -11.68 -4.23 -24.03
N PRO A 585 -11.27 -4.54 -25.25
CA PRO A 585 -10.51 -5.78 -25.47
C PRO A 585 -9.10 -5.67 -24.93
N VAL A 586 -8.85 -6.34 -23.84
CA VAL A 586 -7.53 -6.28 -23.21
C VAL A 586 -6.58 -7.16 -24.01
N LEU A 587 -5.32 -6.75 -24.06
CA LEU A 587 -4.28 -7.53 -24.71
C LEU A 587 -3.30 -8.01 -23.64
N PHE A 588 -2.20 -8.59 -24.09
CA PHE A 588 -1.20 -9.13 -23.19
C PHE A 588 0.15 -8.50 -23.49
N ALA A 589 1.03 -8.54 -22.49
CA ALA A 589 2.38 -8.02 -22.69
C ALA A 589 3.19 -8.99 -23.53
N ARG A 590 2.85 -9.07 -24.82
CA ARG A 590 3.42 -10.04 -25.73
C ARG A 590 3.59 -9.38 -27.09
N SER A 591 4.10 -10.15 -28.05
CA SER A 591 4.20 -9.61 -29.39
C SER A 591 2.86 -9.68 -30.09
N ILE A 592 2.80 -9.04 -31.26
CA ILE A 592 1.58 -9.08 -32.06
C ILE A 592 1.34 -10.49 -32.57
N THR A 593 2.37 -11.11 -33.12
CA THR A 593 2.27 -12.50 -33.58
C THR A 593 1.97 -13.45 -32.43
N ASP A 594 2.41 -13.09 -31.22
CA ASP A 594 1.87 -13.75 -30.03
C ASP A 594 0.40 -13.42 -29.87
N ASN A 595 0.08 -12.13 -29.77
CA ASN A 595 -1.26 -11.72 -29.37
C ASN A 595 -2.30 -12.01 -30.42
N ILE A 596 -1.91 -12.30 -31.65
CA ILE A 596 -2.90 -12.54 -32.68
C ILE A 596 -3.57 -13.90 -32.47
N SER A 597 -2.80 -14.90 -32.05
CA SER A 597 -3.36 -16.19 -31.69
C SER A 597 -2.97 -16.45 -30.26
N TYR A 598 -3.69 -15.82 -29.34
CA TYR A 598 -3.39 -16.02 -27.94
C TYR A 598 -3.83 -17.40 -27.49
N GLY A 599 -4.88 -17.92 -28.11
CA GLY A 599 -5.35 -19.22 -27.74
C GLY A 599 -4.75 -20.33 -28.57
N LEU A 600 -4.85 -20.21 -29.88
CA LEU A 600 -4.53 -21.33 -30.74
C LEU A 600 -3.02 -21.42 -30.94
N PRO A 601 -2.40 -22.55 -30.64
CA PRO A 601 -1.00 -22.73 -31.01
C PRO A 601 -0.88 -23.33 -32.40
N THR A 602 0.36 -23.52 -32.86
CA THR A 602 0.67 -24.14 -34.15
C THR A 602 -0.01 -23.39 -35.30
N VAL A 603 0.35 -22.12 -35.43
CA VAL A 603 -0.27 -21.28 -36.45
C VAL A 603 0.76 -20.91 -37.50
N PRO A 604 0.37 -20.75 -38.76
CA PRO A 604 1.29 -20.28 -39.78
C PRO A 604 1.25 -18.77 -39.95
N PHE A 605 2.38 -18.24 -40.43
CA PHE A 605 2.50 -16.80 -40.65
C PHE A 605 1.51 -16.30 -41.69
N GLU A 606 1.31 -17.09 -42.75
CA GLU A 606 0.57 -16.61 -43.91
C GLU A 606 -0.91 -16.47 -43.62
N MET A 607 -1.48 -17.38 -42.81
CA MET A 607 -2.87 -17.23 -42.43
C MET A 607 -3.08 -16.00 -41.57
N VAL A 608 -2.10 -15.70 -40.71
CA VAL A 608 -2.20 -14.54 -39.84
C VAL A 608 -2.15 -13.25 -40.65
N VAL A 609 -1.20 -13.16 -41.58
CA VAL A 609 -1.12 -11.93 -42.37
C VAL A 609 -2.32 -11.81 -43.30
N GLU A 610 -2.84 -12.95 -43.78
CA GLU A 610 -4.02 -12.91 -44.64
C GLU A 610 -5.23 -12.41 -43.87
N ALA A 611 -5.41 -12.88 -42.65
CA ALA A 611 -6.52 -12.41 -41.83
C ALA A 611 -6.34 -10.96 -41.44
N ALA A 612 -5.10 -10.54 -41.19
CA ALA A 612 -4.84 -9.15 -40.86
C ALA A 612 -5.17 -8.23 -42.02
N GLN A 613 -4.89 -8.68 -43.24
CA GLN A 613 -5.34 -7.94 -44.41
C GLN A 613 -6.85 -7.94 -44.52
N LYS A 614 -7.48 -9.08 -44.18
CA LYS A 614 -8.93 -9.09 -44.05
C LYS A 614 -9.39 -8.26 -42.85
N ALA A 615 -8.52 -8.08 -41.86
CA ALA A 615 -8.89 -7.30 -40.69
C ALA A 615 -8.82 -5.80 -40.93
N ASN A 616 -8.11 -5.37 -41.98
CA ASN A 616 -7.80 -3.96 -42.25
C ASN A 616 -7.06 -3.30 -41.08
N ALA A 617 -6.38 -4.11 -40.29
CA ALA A 617 -5.41 -3.63 -39.32
C ALA A 617 -4.01 -3.59 -39.90
N HIS A 618 -3.83 -4.16 -41.09
CA HIS A 618 -2.50 -4.41 -41.66
C HIS A 618 -1.73 -3.13 -41.90
N GLY A 619 -2.42 -2.02 -42.12
CA GLY A 619 -1.78 -0.73 -42.30
C GLY A 619 -0.95 -0.31 -41.11
N PHE A 620 -1.60 -0.10 -39.95
CA PHE A 620 -0.83 0.30 -38.79
C PHE A 620 -0.07 -0.84 -38.16
N ILE A 621 -0.18 -2.06 -38.70
CA ILE A 621 0.76 -3.12 -38.34
C ILE A 621 2.15 -2.80 -38.89
N MET A 622 2.22 -2.60 -40.21
CA MET A 622 3.50 -2.61 -40.90
C MET A 622 4.31 -1.35 -40.67
N GLU A 623 3.67 -0.20 -40.43
CA GLU A 623 4.39 1.05 -40.32
C GLU A 623 5.13 1.21 -38.99
N LEU A 624 5.06 0.23 -38.10
CA LEU A 624 5.67 0.37 -36.78
C LEU A 624 7.19 0.19 -36.87
N GLN A 625 7.85 0.35 -35.72
CA GLN A 625 9.31 0.27 -35.66
C GLN A 625 9.81 -1.14 -35.91
N ASP A 626 8.98 -2.16 -35.66
CA ASP A 626 9.31 -3.53 -36.03
C ASP A 626 8.20 -4.16 -36.84
N GLY A 627 7.13 -3.44 -37.14
CA GLY A 627 6.12 -3.87 -38.08
C GLY A 627 5.29 -5.05 -37.65
N TYR A 628 5.51 -6.18 -38.32
CA TYR A 628 4.73 -7.38 -38.06
C TYR A 628 4.96 -7.91 -36.66
N SER A 629 6.18 -8.37 -36.40
CA SER A 629 6.50 -9.00 -35.13
C SER A 629 7.08 -7.99 -34.15
N THR A 630 6.40 -6.87 -34.00
CA THR A 630 6.74 -5.98 -32.90
C THR A 630 6.06 -6.48 -31.63
N GLU A 631 6.38 -5.84 -30.52
CA GLU A 631 5.87 -6.24 -29.23
C GLU A 631 5.08 -5.10 -28.60
N THR A 632 4.04 -5.47 -27.86
CA THR A 632 3.24 -4.51 -27.10
C THR A 632 4.02 -4.07 -25.88
N GLY A 633 5.00 -3.19 -26.11
CA GLY A 633 5.85 -2.71 -25.05
C GLY A 633 5.12 -1.78 -24.09
N GLU A 634 5.84 -1.43 -23.03
CA GLU A 634 5.36 -0.67 -21.85
C GLU A 634 3.95 -1.09 -21.44
N LYS A 635 3.78 -2.41 -21.29
CA LYS A 635 2.50 -3.06 -21.01
C LYS A 635 1.46 -2.73 -22.08
N GLY A 636 1.90 -2.68 -23.34
CA GLY A 636 0.98 -2.46 -24.43
C GLY A 636 0.41 -1.07 -24.55
N ALA A 637 1.08 -0.06 -24.01
CA ALA A 637 0.55 1.30 -23.99
C ALA A 637 0.81 2.06 -25.27
N GLN A 638 1.05 1.36 -26.37
CA GLN A 638 1.44 2.00 -27.63
C GLN A 638 0.41 1.78 -28.73
N LEU A 639 -0.85 1.60 -28.35
CA LEU A 639 -1.94 1.48 -29.30
C LEU A 639 -3.06 2.44 -28.91
N SER A 640 -4.10 2.52 -29.73
CA SER A 640 -5.27 3.29 -29.35
C SER A 640 -6.53 2.45 -29.55
N GLY A 641 -7.69 3.09 -29.42
CA GLY A 641 -8.97 2.42 -29.45
C GLY A 641 -9.25 1.62 -30.70
N GLY A 642 -9.32 2.31 -31.84
CA GLY A 642 -9.60 1.61 -33.10
C GLY A 642 -8.52 0.62 -33.46
N GLN A 643 -7.27 0.90 -33.06
CA GLN A 643 -6.19 -0.05 -33.23
C GLN A 643 -6.52 -1.39 -32.59
N LYS A 644 -6.69 -1.40 -31.26
CA LYS A 644 -6.96 -2.65 -30.57
C LYS A 644 -8.31 -3.24 -30.94
N GLN A 645 -9.25 -2.40 -31.40
CA GLN A 645 -10.49 -2.92 -31.99
C GLN A 645 -10.18 -3.84 -33.16
N ARG A 646 -9.43 -3.32 -34.13
CA ARG A 646 -9.07 -4.12 -35.30
C ARG A 646 -8.21 -5.31 -34.90
N VAL A 647 -7.36 -5.14 -33.90
CA VAL A 647 -6.51 -6.23 -33.41
C VAL A 647 -7.37 -7.37 -32.88
N ALA A 648 -8.33 -7.05 -32.02
CA ALA A 648 -9.13 -8.08 -31.41
C ALA A 648 -10.04 -8.75 -32.43
N MET A 649 -10.55 -7.98 -33.38
CA MET A 649 -11.40 -8.58 -34.40
C MET A 649 -10.59 -9.49 -35.31
N ALA A 650 -9.33 -9.16 -35.55
CA ALA A 650 -8.44 -10.11 -36.20
C ALA A 650 -8.25 -11.35 -35.35
N ARG A 651 -8.01 -11.14 -34.06
CA ARG A 651 -7.85 -12.23 -33.10
C ARG A 651 -9.07 -13.12 -33.07
N ALA A 652 -10.24 -12.55 -33.34
CA ALA A 652 -11.41 -13.39 -33.58
C ALA A 652 -11.26 -14.18 -34.87
N LEU A 653 -10.98 -13.48 -35.96
CA LEU A 653 -11.13 -14.08 -37.29
C LEU A 653 -10.06 -15.11 -37.59
N VAL A 654 -8.93 -15.07 -36.89
CA VAL A 654 -7.83 -15.97 -37.21
C VAL A 654 -8.19 -17.41 -36.89
N ARG A 655 -9.07 -17.63 -35.92
CA ARG A 655 -9.54 -18.98 -35.66
C ARG A 655 -10.44 -19.49 -36.78
N ASN A 656 -11.01 -18.58 -37.56
CA ASN A 656 -12.03 -18.84 -38.56
C ASN A 656 -13.17 -19.65 -37.95
N PRO A 657 -13.96 -19.08 -37.05
CA PRO A 657 -15.01 -19.85 -36.40
C PRO A 657 -16.27 -19.88 -37.26
N PRO A 658 -17.08 -20.92 -37.12
CA PRO A 658 -18.38 -20.93 -37.78
C PRO A 658 -19.35 -19.92 -37.21
N VAL A 659 -19.14 -19.44 -35.99
CA VAL A 659 -20.05 -18.51 -35.35
C VAL A 659 -19.25 -17.41 -34.67
N LEU A 660 -19.58 -16.17 -34.99
CA LEU A 660 -18.94 -15.01 -34.37
C LEU A 660 -19.98 -14.22 -33.59
N ILE A 661 -19.53 -13.57 -32.52
CA ILE A 661 -20.35 -12.62 -31.78
C ILE A 661 -19.58 -11.30 -31.72
N LEU A 662 -20.27 -10.20 -32.02
CA LEU A 662 -19.66 -8.88 -32.00
C LEU A 662 -20.57 -7.94 -31.23
N ASP A 663 -20.02 -7.34 -30.18
CA ASP A 663 -20.62 -6.19 -29.52
C ASP A 663 -19.49 -5.26 -29.10
N GLU A 664 -19.51 -4.05 -29.63
CA GLU A 664 -18.47 -3.08 -29.35
C GLU A 664 -19.05 -1.94 -28.52
N ALA A 665 -18.19 -1.01 -28.17
CA ALA A 665 -18.51 0.03 -27.20
C ALA A 665 -19.31 1.16 -27.87
N THR A 666 -19.45 2.28 -27.15
CA THR A 666 -20.17 3.43 -27.65
C THR A 666 -19.29 4.40 -28.43
N SER A 667 -17.97 4.33 -28.25
CA SER A 667 -17.08 5.25 -28.94
C SER A 667 -17.03 4.95 -30.43
N ALA A 668 -16.54 3.76 -30.79
CA ALA A 668 -16.50 3.24 -32.16
C ALA A 668 -15.77 4.19 -33.10
N LEU A 669 -14.47 4.36 -32.83
CA LEU A 669 -13.66 5.34 -33.54
C LEU A 669 -13.39 4.97 -35.00
N ASP A 670 -13.79 3.78 -35.43
CA ASP A 670 -13.69 3.43 -36.84
C ASP A 670 -14.62 4.31 -37.66
N ALA A 671 -14.04 5.07 -38.59
CA ALA A 671 -14.80 5.99 -39.43
C ALA A 671 -15.48 5.24 -40.57
N GLU A 672 -16.43 4.38 -40.19
CA GLU A 672 -17.30 3.61 -41.08
C GLU A 672 -16.53 2.63 -41.97
N SER A 673 -15.23 2.48 -41.76
CA SER A 673 -14.43 1.64 -42.64
C SER A 673 -14.67 0.17 -42.35
N GLU A 674 -14.53 -0.23 -41.08
CA GLU A 674 -14.71 -1.62 -40.70
C GLU A 674 -16.14 -2.09 -40.95
N TYR A 675 -17.10 -1.19 -40.78
CA TYR A 675 -18.49 -1.56 -41.02
C TYR A 675 -18.73 -1.77 -42.51
N LEU A 676 -18.09 -0.95 -43.35
CA LEU A 676 -18.10 -1.20 -44.78
C LEU A 676 -17.43 -2.52 -45.11
N ILE A 677 -16.40 -2.89 -44.35
CA ILE A 677 -15.70 -4.14 -44.60
C ILE A 677 -16.58 -5.34 -44.27
N GLN A 678 -17.24 -5.31 -43.10
CA GLN A 678 -18.08 -6.45 -42.74
C GLN A 678 -19.31 -6.54 -43.63
N GLN A 679 -20.02 -5.42 -43.82
CA GLN A 679 -21.16 -5.46 -44.73
C GLN A 679 -20.75 -5.55 -46.19
N ALA A 680 -19.46 -5.57 -46.50
CA ALA A 680 -18.96 -5.93 -47.81
C ALA A 680 -18.71 -7.43 -47.92
N ILE A 681 -18.01 -8.02 -46.96
CA ILE A 681 -17.70 -9.44 -47.01
C ILE A 681 -18.12 -10.16 -45.72
N HIS A 682 -17.76 -9.61 -44.57
CA HIS A 682 -17.94 -10.33 -43.31
C HIS A 682 -19.33 -10.15 -42.71
N GLY A 683 -20.29 -9.71 -43.50
CA GLY A 683 -21.68 -9.69 -43.09
C GLY A 683 -22.53 -10.49 -44.04
N ASN A 684 -22.05 -10.66 -45.27
CA ASN A 684 -22.77 -11.42 -46.27
C ASN A 684 -21.97 -12.60 -46.80
N LEU A 685 -20.71 -12.39 -47.20
CA LEU A 685 -19.97 -13.45 -47.87
C LEU A 685 -19.47 -14.50 -46.90
N GLN A 686 -19.31 -14.16 -45.63
CA GLN A 686 -18.83 -15.10 -44.63
C GLN A 686 -20.04 -15.75 -43.98
N ARG A 687 -20.31 -17.01 -44.36
CA ARG A 687 -21.55 -17.69 -44.00
C ARG A 687 -21.48 -18.08 -42.52
N HIS A 688 -21.73 -17.10 -41.67
CA HIS A 688 -21.69 -17.29 -40.23
C HIS A 688 -22.82 -16.48 -39.62
N THR A 689 -23.55 -17.10 -38.71
CA THR A 689 -24.57 -16.34 -37.99
C THR A 689 -23.86 -15.43 -37.01
N VAL A 690 -23.53 -14.23 -37.46
CA VAL A 690 -22.78 -13.29 -36.65
C VAL A 690 -23.81 -12.44 -35.91
N LEU A 691 -24.08 -12.80 -34.67
CA LEU A 691 -25.01 -12.04 -33.86
C LEU A 691 -24.37 -10.71 -33.49
N ILE A 692 -25.17 -9.65 -33.54
CA ILE A 692 -24.68 -8.31 -33.26
C ILE A 692 -25.51 -7.70 -32.16
N ILE A 693 -24.85 -7.36 -31.05
CA ILE A 693 -25.39 -6.42 -30.09
C ILE A 693 -24.78 -5.07 -30.41
N ALA A 694 -25.62 -4.07 -30.63
CA ALA A 694 -25.17 -2.80 -31.17
C ALA A 694 -25.56 -1.65 -30.24
N HIS A 695 -24.66 -0.70 -30.11
CA HIS A 695 -24.95 0.59 -29.54
C HIS A 695 -24.91 1.63 -30.64
N ARG A 696 -25.42 2.82 -30.33
CA ARG A 696 -25.46 3.98 -31.20
C ARG A 696 -26.26 3.76 -32.48
N LEU A 697 -26.99 2.64 -32.57
CA LEU A 697 -27.94 2.31 -33.65
C LEU A 697 -27.35 2.48 -35.06
N SER A 698 -26.04 2.33 -35.17
CA SER A 698 -25.37 2.56 -36.45
C SER A 698 -25.51 1.39 -37.41
N THR A 699 -26.17 0.31 -37.00
CA THR A 699 -26.27 -0.88 -37.82
C THR A 699 -27.70 -1.40 -37.85
N VAL A 700 -28.60 -0.83 -37.04
CA VAL A 700 -29.99 -1.26 -37.02
C VAL A 700 -30.67 -0.99 -38.35
N GLU A 701 -30.16 -0.01 -39.10
CA GLU A 701 -30.66 0.25 -40.44
C GLU A 701 -30.32 -0.89 -41.40
N ARG A 702 -29.24 -1.62 -41.14
CA ARG A 702 -28.75 -2.64 -42.05
C ARG A 702 -28.55 -3.93 -41.27
N ALA A 703 -29.55 -4.81 -41.30
CA ALA A 703 -29.48 -6.07 -40.58
C ALA A 703 -30.33 -7.10 -41.30
N HIS A 704 -30.54 -8.25 -40.66
CA HIS A 704 -31.31 -9.34 -41.25
C HIS A 704 -32.45 -9.78 -40.36
N LEU A 705 -32.27 -9.69 -39.05
CA LEU A 705 -33.34 -10.03 -38.11
C LEU A 705 -33.07 -9.32 -36.81
N ILE A 706 -34.00 -8.48 -36.40
CA ILE A 706 -33.80 -7.54 -35.31
C ILE A 706 -34.83 -7.82 -34.23
N VAL A 707 -34.39 -7.82 -32.97
CA VAL A 707 -35.29 -7.90 -31.83
C VAL A 707 -34.85 -6.87 -30.81
N VAL A 708 -35.68 -6.72 -29.78
CA VAL A 708 -35.45 -5.78 -28.70
C VAL A 708 -36.24 -6.25 -27.48
N LEU A 709 -35.61 -6.25 -26.32
CA LEU A 709 -36.25 -6.74 -25.11
C LEU A 709 -35.98 -5.79 -23.95
N ASP A 710 -36.83 -5.88 -22.94
CA ASP A 710 -36.57 -5.29 -21.63
C ASP A 710 -36.65 -6.41 -20.61
N LYS A 711 -35.51 -6.78 -20.04
CA LYS A 711 -35.38 -7.70 -18.91
C LYS A 711 -35.97 -9.08 -19.20
N GLY A 712 -36.19 -9.43 -20.46
CA GLY A 712 -36.79 -10.70 -20.78
C GLY A 712 -38.00 -10.57 -21.69
N ARG A 713 -38.63 -9.41 -21.67
CA ARG A 713 -39.86 -9.18 -22.41
C ARG A 713 -39.57 -8.49 -23.73
N VAL A 714 -39.88 -9.17 -24.83
CA VAL A 714 -39.70 -8.64 -26.17
C VAL A 714 -40.89 -7.78 -26.53
N VAL A 715 -40.62 -6.68 -27.21
CA VAL A 715 -41.68 -5.81 -27.70
C VAL A 715 -41.74 -5.75 -29.22
N GLN A 716 -40.70 -6.20 -29.93
CA GLN A 716 -40.65 -6.07 -31.37
C GLN A 716 -39.68 -7.11 -31.92
N GLN A 717 -40.04 -7.69 -33.06
CA GLN A 717 -39.20 -8.66 -33.76
C GLN A 717 -39.21 -8.33 -35.23
N GLY A 718 -38.71 -9.24 -36.05
CA GLY A 718 -38.80 -9.12 -37.49
C GLY A 718 -37.73 -8.22 -38.08
N THR A 719 -37.80 -8.08 -39.40
CA THR A 719 -36.90 -7.20 -40.13
C THR A 719 -37.25 -5.75 -39.82
N HIS A 720 -36.27 -4.86 -40.05
CA HIS A 720 -36.38 -3.47 -39.61
C HIS A 720 -37.47 -2.69 -40.32
N GLN A 721 -38.05 -3.21 -41.40
CA GLN A 721 -39.20 -2.54 -41.98
C GLN A 721 -40.49 -2.91 -41.25
N GLN A 722 -40.55 -4.10 -40.64
CA GLN A 722 -41.60 -4.36 -39.66
C GLN A 722 -41.41 -3.46 -38.44
N LEU A 723 -40.14 -3.20 -38.10
CA LEU A 723 -39.84 -2.20 -37.07
C LEU A 723 -40.30 -0.82 -37.53
N LEU A 724 -40.23 -0.55 -38.82
CA LEU A 724 -40.83 0.65 -39.38
C LEU A 724 -42.34 0.53 -39.52
N ALA A 725 -42.85 -0.70 -39.64
CA ALA A 725 -44.30 -0.90 -39.63
C ALA A 725 -44.88 -0.70 -38.24
N GLN A 726 -44.07 -0.82 -37.19
CA GLN A 726 -44.52 -0.55 -35.83
C GLN A 726 -43.31 0.02 -35.08
N GLY A 727 -43.22 1.35 -35.03
CA GLY A 727 -42.09 2.02 -34.43
C GLY A 727 -42.14 2.19 -32.93
N GLY A 728 -43.02 1.46 -32.24
CA GLY A 728 -43.14 1.55 -30.80
C GLY A 728 -41.87 1.18 -30.07
N LEU A 729 -41.20 2.18 -29.51
CA LEU A 729 -39.90 2.09 -28.85
C LEU A 729 -38.80 1.63 -29.80
N TYR A 730 -39.07 1.62 -31.09
CA TYR A 730 -38.02 1.48 -32.09
C TYR A 730 -37.71 2.81 -32.72
N ALA A 731 -38.71 3.43 -33.35
CA ALA A 731 -38.50 4.69 -34.04
C ALA A 731 -38.28 5.82 -33.06
N LYS A 732 -38.83 5.70 -31.86
CA LYS A 732 -38.68 6.76 -30.85
C LYS A 732 -37.24 6.91 -30.43
N LEU A 733 -36.50 5.80 -30.37
CA LEU A 733 -35.09 5.90 -30.01
C LEU A 733 -34.27 6.44 -31.16
N VAL A 734 -34.54 5.99 -32.38
CA VAL A 734 -33.71 6.39 -33.50
C VAL A 734 -34.03 7.82 -33.93
N GLN A 735 -35.26 8.27 -33.72
CA GLN A 735 -35.54 9.68 -33.97
C GLN A 735 -34.94 10.55 -32.87
N ARG A 736 -34.79 9.99 -31.67
CA ARG A 736 -34.13 10.72 -30.59
C ARG A 736 -32.64 10.90 -30.89
N GLN A 737 -31.95 9.81 -31.21
CA GLN A 737 -30.53 9.87 -31.54
C GLN A 737 -30.40 10.18 -33.04
N MET A 738 -30.76 11.42 -33.38
CA MET A 738 -30.71 11.96 -34.74
C MET A 738 -31.51 11.12 -35.73
N THR B 169 21.24 23.01 2.12
CA THR B 169 19.82 22.66 2.22
C THR B 169 19.51 22.00 3.54
N LEU B 170 20.53 21.44 4.18
CA LEU B 170 20.33 20.81 5.47
C LEU B 170 20.22 21.82 6.59
N GLN B 171 20.70 23.04 6.37
CA GLN B 171 20.54 24.12 7.35
C GLN B 171 19.09 24.47 7.58
N LYS B 172 18.21 24.13 6.64
CA LYS B 172 16.78 24.20 6.89
C LYS B 172 16.40 23.35 8.09
N LEU B 173 16.97 22.16 8.19
CA LEU B 173 16.72 21.32 9.35
C LEU B 173 17.28 21.95 10.61
N LEU B 174 18.44 22.59 10.50
CA LEU B 174 18.95 23.40 11.60
C LEU B 174 17.98 24.51 11.93
N SER B 175 17.38 25.12 10.90
CA SER B 175 16.53 26.28 11.08
C SER B 175 15.25 26.00 11.84
N TYR B 176 14.96 24.73 12.13
CA TYR B 176 13.81 24.40 12.95
C TYR B 176 14.18 23.75 14.27
N THR B 177 15.39 23.24 14.42
CA THR B 177 15.82 22.75 15.71
C THR B 177 16.20 23.88 16.66
N LYS B 178 16.28 25.10 16.13
CA LYS B 178 16.75 26.28 16.88
C LYS B 178 16.11 26.51 18.24
N PRO B 179 14.78 26.39 18.43
CA PRO B 179 14.25 26.73 19.77
C PRO B 179 14.41 25.59 20.77
N ASP B 180 15.29 24.63 20.49
CA ASP B 180 15.40 23.42 21.28
C ASP B 180 16.81 23.18 21.79
N VAL B 181 17.66 24.22 21.73
CA VAL B 181 19.09 24.05 21.97
C VAL B 181 19.37 23.61 23.39
N ALA B 182 18.53 24.02 24.34
CA ALA B 182 18.77 23.67 25.74
C ALA B 182 18.61 22.17 25.96
N PHE B 183 17.51 21.62 25.48
CA PHE B 183 17.30 20.19 25.54
C PHE B 183 18.38 19.46 24.77
N LEU B 184 18.80 20.02 23.64
CA LEU B 184 19.85 19.39 22.86
C LEU B 184 21.16 19.30 23.62
N VAL B 185 21.58 20.40 24.27
CA VAL B 185 22.89 20.39 24.90
C VAL B 185 22.86 19.54 26.15
N ALA B 186 21.74 19.54 26.87
CA ALA B 186 21.62 18.65 28.02
C ALA B 186 21.70 17.20 27.58
N ALA B 187 21.03 16.87 26.48
CA ALA B 187 21.04 15.50 25.98
C ALA B 187 22.44 15.08 25.56
N SER B 188 23.16 15.97 24.89
CA SER B 188 24.51 15.63 24.43
C SER B 188 25.43 15.43 25.63
N PHE B 189 25.30 16.29 26.64
CA PHE B 189 26.12 16.15 27.85
C PHE B 189 25.89 14.82 28.53
N PHE B 190 24.64 14.43 28.69
CA PHE B 190 24.37 13.19 29.40
C PHE B 190 24.75 11.98 28.56
N LEU B 191 24.58 12.07 27.23
CA LEU B 191 25.09 11.05 26.34
C LEU B 191 26.60 10.87 26.51
N ILE B 192 27.32 12.00 26.61
CA ILE B 192 28.76 11.96 26.73
C ILE B 192 29.18 11.25 28.01
N VAL B 193 28.56 11.63 29.14
CA VAL B 193 29.00 11.03 30.40
C VAL B 193 28.62 9.54 30.47
N ALA B 194 27.49 9.18 29.87
CA ALA B 194 27.13 7.76 29.80
C ALA B 194 28.17 6.98 29.01
N ALA B 195 28.56 7.51 27.85
CA ALA B 195 29.54 6.82 27.03
C ALA B 195 30.88 6.71 27.73
N LEU B 196 31.26 7.74 28.48
CA LEU B 196 32.53 7.69 29.19
C LEU B 196 32.53 6.62 30.26
N GLY B 197 31.42 6.50 31.00
CA GLY B 197 31.34 5.41 31.97
C GLY B 197 31.42 4.05 31.31
N GLU B 198 30.72 3.90 30.18
CA GLU B 198 30.73 2.62 29.46
C GLU B 198 32.12 2.27 28.98
N THR B 199 32.87 3.24 28.49
CA THR B 199 34.19 2.89 27.97
C THR B 199 35.22 2.75 29.07
N PHE B 200 35.00 3.34 30.24
CA PHE B 200 35.92 3.09 31.34
C PHE B 200 35.78 1.67 31.86
N LEU B 201 34.58 1.30 32.32
CA LEU B 201 34.49 0.27 33.36
C LEU B 201 35.11 -1.11 33.08
N PRO B 202 35.20 -1.64 31.85
CA PRO B 202 35.83 -2.96 31.71
C PRO B 202 37.33 -2.98 32.00
N TYR B 203 38.02 -1.85 31.86
CA TYR B 203 39.43 -1.83 32.26
C TYR B 203 39.56 -2.07 33.75
N TYR B 204 38.69 -1.47 34.53
CA TYR B 204 38.74 -1.72 35.96
C TYR B 204 38.18 -3.09 36.30
N THR B 205 37.33 -3.65 35.43
CA THR B 205 36.97 -5.06 35.59
C THR B 205 38.18 -5.95 35.44
N GLY B 206 39.01 -5.65 34.45
CA GLY B 206 40.28 -6.34 34.32
C GLY B 206 41.20 -6.12 35.50
N ARG B 207 41.12 -4.93 36.10
CA ARG B 207 41.88 -4.68 37.33
C ARG B 207 41.37 -5.58 38.46
N ALA B 208 40.06 -5.79 38.51
CA ALA B 208 39.49 -6.67 39.51
C ALA B 208 39.95 -8.11 39.31
N ILE B 209 40.01 -8.55 38.06
CA ILE B 209 40.50 -9.90 37.81
C ILE B 209 42.01 -9.98 38.06
N ASP B 210 42.72 -8.88 37.83
CA ASP B 210 44.13 -8.79 38.22
C ASP B 210 44.28 -8.95 39.72
N SER B 211 43.30 -8.49 40.48
CA SER B 211 43.32 -8.76 41.91
C SER B 211 42.96 -10.21 42.20
N ILE B 212 42.03 -10.78 41.43
CA ILE B 212 41.62 -12.16 41.69
C ILE B 212 42.69 -13.17 41.30
N VAL B 213 43.72 -12.74 40.57
CA VAL B 213 44.81 -13.66 40.27
C VAL B 213 45.97 -13.45 41.25
N ILE B 214 46.11 -12.24 41.80
CA ILE B 214 47.27 -11.98 42.65
C ILE B 214 46.87 -11.57 44.05
N GLN B 215 46.25 -10.40 44.21
CA GLN B 215 45.98 -9.86 45.54
C GLN B 215 44.57 -10.23 45.97
N LYS B 216 44.38 -11.53 46.15
CA LYS B 216 43.10 -12.10 46.57
C LYS B 216 42.92 -11.83 48.06
N SER B 217 42.45 -10.63 48.38
CA SER B 217 42.45 -10.20 49.76
C SER B 217 41.38 -9.13 49.95
N MET B 218 41.48 -8.38 51.05
CA MET B 218 40.51 -7.34 51.35
C MET B 218 40.54 -6.22 50.31
N ASP B 219 41.70 -5.96 49.71
CA ASP B 219 41.79 -4.93 48.70
C ASP B 219 41.02 -5.29 47.44
N GLN B 220 40.75 -6.57 47.22
CA GLN B 220 40.05 -7.02 46.03
C GLN B 220 38.65 -6.46 45.98
N PHE B 221 37.81 -6.85 46.95
CA PHE B 221 36.39 -6.59 46.85
C PHE B 221 36.09 -5.11 47.05
N THR B 222 36.91 -4.41 47.83
CA THR B 222 36.77 -2.97 47.98
C THR B 222 36.88 -2.27 46.64
N THR B 223 38.00 -2.50 45.95
CA THR B 223 38.22 -1.93 44.62
C THR B 223 37.12 -2.34 43.65
N ALA B 224 36.74 -3.62 43.69
CA ALA B 224 35.71 -4.13 42.78
C ALA B 224 34.40 -3.37 42.94
N VAL B 225 33.92 -3.25 44.18
CA VAL B 225 32.62 -2.65 44.36
C VAL B 225 32.68 -1.14 44.14
N VAL B 226 33.79 -0.49 44.54
CA VAL B 226 33.81 0.96 44.38
C VAL B 226 33.99 1.32 42.92
N VAL B 227 34.48 0.40 42.12
CA VAL B 227 34.40 0.58 40.69
C VAL B 227 32.97 0.41 40.21
N VAL B 228 32.39 -0.78 40.48
CA VAL B 228 31.23 -1.18 39.70
C VAL B 228 30.00 -0.39 40.11
N CYS B 229 29.90 0.00 41.38
CA CYS B 229 28.75 0.75 41.84
C CYS B 229 28.67 2.10 41.13
N LEU B 230 29.70 2.92 41.30
CA LEU B 230 29.74 4.23 40.67
C LEU B 230 29.60 4.12 39.17
N LEU B 231 30.34 3.18 38.56
CA LEU B 231 30.38 3.09 37.10
C LEU B 231 29.02 2.71 36.53
N ALA B 232 28.47 1.58 36.95
CA ALA B 232 27.24 1.09 36.35
C ALA B 232 26.07 1.98 36.72
N ILE B 233 26.05 2.50 37.95
CA ILE B 233 24.94 3.36 38.35
C ILE B 233 24.95 4.64 37.54
N GLY B 234 26.12 5.27 37.41
CA GLY B 234 26.20 6.49 36.62
C GLY B 234 25.86 6.25 35.17
N SER B 235 26.30 5.10 34.63
CA SER B 235 26.00 4.75 33.26
C SER B 235 24.50 4.66 33.03
N SER B 236 23.83 3.85 33.84
CA SER B 236 22.40 3.66 33.64
C SER B 236 21.62 4.92 33.92
N LEU B 237 22.08 5.72 34.88
CA LEU B 237 21.44 6.99 35.19
C LEU B 237 21.49 7.93 34.00
N ALA B 238 22.68 8.14 33.45
CA ALA B 238 22.83 9.06 32.33
C ALA B 238 22.12 8.54 31.10
N ALA B 239 22.10 7.21 30.91
CA ALA B 239 21.40 6.64 29.77
C ALA B 239 19.91 6.88 29.88
N GLY B 240 19.36 6.73 31.08
CA GLY B 240 17.95 7.00 31.26
C GLY B 240 17.61 8.45 31.00
N ILE B 241 18.44 9.35 31.54
CA ILE B 241 18.23 10.78 31.33
C ILE B 241 18.26 11.09 29.84
N ARG B 242 19.24 10.53 29.13
CA ARG B 242 19.41 10.79 27.72
C ARG B 242 18.21 10.29 26.92
N GLY B 243 17.75 9.09 27.23
CA GLY B 243 16.58 8.55 26.53
C GLY B 243 15.34 9.40 26.75
N GLY B 244 15.11 9.84 27.98
CA GLY B 244 13.96 10.68 28.24
C GLY B 244 14.02 12.00 27.50
N ILE B 245 15.20 12.61 27.46
CA ILE B 245 15.32 13.91 26.81
C ILE B 245 15.14 13.78 25.31
N PHE B 246 15.71 12.74 24.71
CA PHE B 246 15.50 12.56 23.28
C PHE B 246 14.06 12.19 22.96
N THR B 247 13.36 11.53 23.88
CA THR B 247 11.93 11.31 23.69
C THR B 247 11.20 12.64 23.63
N LEU B 248 11.51 13.53 24.57
CA LEU B 248 10.85 14.84 24.58
C LEU B 248 11.15 15.63 23.32
N VAL B 249 12.39 15.58 22.84
CA VAL B 249 12.72 16.39 21.67
C VAL B 249 12.07 15.79 20.42
N PHE B 250 11.92 14.46 20.38
CA PHE B 250 11.20 13.84 19.28
C PHE B 250 9.78 14.35 19.21
N ALA B 251 9.11 14.37 20.37
CA ALA B 251 7.73 14.85 20.39
C ALA B 251 7.63 16.29 19.96
N ARG B 252 8.50 17.15 20.50
CA ARG B 252 8.41 18.58 20.21
C ARG B 252 8.69 18.88 18.75
N LEU B 253 9.73 18.26 18.18
CA LEU B 253 10.05 18.52 16.79
C LEU B 253 8.98 17.99 15.85
N ASN B 254 8.42 16.82 16.16
CA ASN B 254 7.34 16.29 15.32
C ASN B 254 6.15 17.22 15.34
N ILE B 255 5.78 17.72 16.51
CA ILE B 255 4.66 18.64 16.62
C ILE B 255 4.89 19.89 15.80
N ARG B 256 6.08 20.48 15.94
CA ARG B 256 6.35 21.74 15.27
C ARG B 256 6.35 21.56 13.76
N LEU B 257 6.96 20.48 13.27
CA LEU B 257 7.00 20.28 11.83
C LEU B 257 5.62 20.01 11.26
N ARG B 258 4.83 19.18 11.95
CA ARG B 258 3.50 18.88 11.45
C ARG B 258 2.64 20.13 11.37
N ASN B 259 2.67 20.94 12.44
CA ASN B 259 1.86 22.15 12.46
C ASN B 259 2.29 23.11 11.37
N CYS B 260 3.59 23.32 11.22
CA CYS B 260 4.04 24.33 10.26
C CYS B 260 3.78 23.88 8.83
N LEU B 261 4.00 22.60 8.54
CA LEU B 261 3.77 22.12 7.18
C LEU B 261 2.30 22.16 6.82
N PHE B 262 1.45 21.71 7.74
CA PHE B 262 0.02 21.74 7.43
C PHE B 262 -0.50 23.16 7.32
N ARG B 263 0.07 24.09 8.09
CA ARG B 263 -0.37 25.48 7.99
C ARG B 263 0.03 26.07 6.65
N SER B 264 1.30 25.90 6.26
CA SER B 264 1.74 26.46 5.00
C SER B 264 1.11 25.76 3.80
N LEU B 265 0.65 24.52 3.97
CA LEU B 265 0.10 23.81 2.83
C LEU B 265 -1.23 24.40 2.40
N VAL B 266 -2.09 24.72 3.36
CA VAL B 266 -3.47 25.07 3.01
C VAL B 266 -3.54 26.44 2.36
N SER B 267 -2.55 27.28 2.58
CA SER B 267 -2.64 28.61 1.99
C SER B 267 -2.23 28.63 0.53
N GLN B 268 -1.80 27.51 -0.02
CA GLN B 268 -1.42 27.46 -1.42
C GLN B 268 -2.66 27.60 -2.31
N GLU B 269 -2.42 27.97 -3.56
CA GLU B 269 -3.51 28.18 -4.51
C GLU B 269 -4.18 26.85 -4.85
N THR B 270 -5.40 26.97 -5.37
CA THR B 270 -6.22 25.80 -5.68
C THR B 270 -5.56 24.94 -6.74
N SER B 271 -4.88 25.57 -7.69
CA SER B 271 -4.25 24.87 -8.80
C SER B 271 -3.21 23.87 -8.31
N PHE B 272 -2.65 24.09 -7.13
CA PHE B 272 -1.74 23.13 -6.53
C PHE B 272 -2.44 21.79 -6.31
N PHE B 273 -3.52 21.80 -5.54
CA PHE B 273 -4.29 20.59 -5.28
C PHE B 273 -4.87 20.03 -6.56
N ASP B 274 -5.15 20.89 -7.53
CA ASP B 274 -5.53 20.41 -8.85
C ASP B 274 -4.43 19.57 -9.46
N GLU B 275 -3.21 20.09 -9.48
CA GLU B 275 -2.10 19.38 -10.09
C GLU B 275 -1.62 18.25 -9.20
N ASN B 276 -1.38 18.53 -7.92
CA ASN B 276 -0.82 17.53 -7.04
C ASN B 276 -1.88 16.52 -6.63
N ARG B 277 -1.41 15.44 -6.03
CA ARG B 277 -2.27 14.34 -5.64
C ARG B 277 -2.85 14.58 -4.25
N THR B 278 -3.49 13.57 -3.68
CA THR B 278 -4.05 13.68 -2.34
C THR B 278 -3.39 12.73 -1.36
N GLY B 279 -3.37 11.43 -1.66
CA GLY B 279 -2.76 10.47 -0.76
C GLY B 279 -1.27 10.69 -0.60
N ASP B 280 -0.63 11.20 -1.66
CA ASP B 280 0.77 11.59 -1.55
C ASP B 280 0.96 12.65 -0.50
N LEU B 281 0.05 13.62 -0.43
CA LEU B 281 0.17 14.65 0.58
C LEU B 281 -0.12 14.12 1.97
N ILE B 282 -0.96 13.10 2.07
CA ILE B 282 -1.21 12.52 3.40
C ILE B 282 0.01 11.76 3.87
N SER B 283 0.66 11.03 2.96
CA SER B 283 1.95 10.43 3.25
C SER B 283 2.95 11.49 3.68
N ARG B 284 2.99 12.60 2.95
CA ARG B 284 3.91 13.67 3.27
C ARG B 284 3.56 14.39 4.56
N LEU B 285 2.34 14.25 5.06
CA LEU B 285 1.99 14.88 6.31
C LEU B 285 2.10 13.96 7.50
N THR B 286 2.16 12.64 7.30
CA THR B 286 2.34 11.74 8.44
C THR B 286 3.68 11.02 8.43
N SER B 287 3.95 10.26 7.37
CA SER B 287 4.96 9.20 7.47
C SER B 287 6.37 9.78 7.44
N ASP B 288 6.66 10.62 6.46
CA ASP B 288 8.00 11.16 6.35
C ASP B 288 8.30 12.18 7.45
N THR B 289 7.28 12.85 7.96
CA THR B 289 7.50 13.69 9.12
C THR B 289 7.88 12.86 10.32
N THR B 290 7.21 11.72 10.51
CA THR B 290 7.63 10.77 11.52
C THR B 290 9.07 10.34 11.29
N MET B 291 9.43 10.06 10.03
CA MET B 291 10.77 9.63 9.70
C MET B 291 11.81 10.69 10.02
N VAL B 292 11.52 11.95 9.69
CA VAL B 292 12.51 12.99 9.91
C VAL B 292 12.63 13.30 11.39
N SER B 293 11.58 13.03 12.16
CA SER B 293 11.76 13.10 13.61
C SER B 293 12.62 11.96 14.10
N ASP B 294 12.40 10.75 13.55
CA ASP B 294 13.20 9.59 13.94
C ASP B 294 14.67 9.80 13.64
N LEU B 295 14.99 10.56 12.60
CA LEU B 295 16.37 10.87 12.26
C LEU B 295 17.07 11.51 13.45
N VAL B 296 16.62 12.71 13.83
CA VAL B 296 17.29 13.46 14.87
C VAL B 296 17.04 12.85 16.23
N SER B 297 16.07 11.95 16.37
CA SER B 297 15.81 11.41 17.70
C SER B 297 16.55 10.10 17.95
N GLN B 298 16.83 9.31 16.92
CA GLN B 298 17.40 8.00 17.11
C GLN B 298 18.74 7.84 16.42
N ASN B 299 18.85 8.25 15.16
CA ASN B 299 20.00 7.85 14.39
C ASN B 299 21.22 8.65 14.79
N ILE B 300 21.05 9.97 14.95
CA ILE B 300 22.12 10.82 15.48
C ILE B 300 22.53 10.34 16.86
N ASN B 301 21.56 9.93 17.68
CA ASN B 301 21.83 9.47 19.03
C ASN B 301 22.75 8.26 19.01
N ILE B 302 22.32 7.18 18.37
CA ILE B 302 23.11 5.96 18.47
C ILE B 302 24.41 6.10 17.69
N PHE B 303 24.42 6.95 16.65
CA PHE B 303 25.64 7.16 15.90
C PHE B 303 26.69 7.86 16.74
N LEU B 304 26.32 8.96 17.39
CA LEU B 304 27.27 9.68 18.23
C LEU B 304 27.72 8.83 19.41
N ARG B 305 26.77 8.10 20.02
CA ARG B 305 27.10 7.19 21.11
C ARG B 305 28.19 6.22 20.69
N ASN B 306 27.96 5.53 19.58
CA ASN B 306 28.89 4.49 19.21
C ASN B 306 30.20 5.05 18.69
N THR B 307 30.21 6.23 18.09
CA THR B 307 31.50 6.73 17.61
C THR B 307 32.37 7.21 18.76
N VAL B 308 31.78 7.85 19.77
CA VAL B 308 32.65 8.24 20.87
C VAL B 308 33.06 7.03 21.68
N LYS B 309 32.21 5.99 21.72
CA LYS B 309 32.61 4.77 22.39
C LYS B 309 33.76 4.09 21.66
N VAL B 310 33.72 4.08 20.33
CA VAL B 310 34.78 3.36 19.62
C VAL B 310 36.08 4.14 19.69
N THR B 311 36.02 5.48 19.70
CA THR B 311 37.24 6.25 19.92
C THR B 311 37.84 5.96 21.28
N GLY B 312 37.01 5.95 22.32
CA GLY B 312 37.53 5.66 23.65
C GLY B 312 38.15 4.28 23.75
N VAL B 313 37.51 3.29 23.17
CA VAL B 313 38.04 1.93 23.35
C VAL B 313 39.29 1.74 22.51
N VAL B 314 39.37 2.37 21.34
CA VAL B 314 40.58 2.19 20.55
C VAL B 314 41.73 2.93 21.20
N VAL B 315 41.44 4.03 21.90
CA VAL B 315 42.47 4.73 22.67
C VAL B 315 42.99 3.83 23.77
N PHE B 316 42.10 3.14 24.49
CA PHE B 316 42.57 2.28 25.57
C PHE B 316 43.41 1.12 25.06
N MET B 317 42.95 0.44 23.99
CA MET B 317 43.72 -0.72 23.56
C MET B 317 45.02 -0.30 22.91
N PHE B 318 45.05 0.87 22.27
CA PHE B 318 46.32 1.40 21.78
C PHE B 318 47.23 1.77 22.95
N SER B 319 46.65 2.17 24.07
CA SER B 319 47.45 2.52 25.23
C SER B 319 48.03 1.28 25.90
N LEU B 320 47.32 0.17 25.86
CA LEU B 320 47.77 -0.99 26.63
C LEU B 320 48.93 -1.70 25.96
N SER B 321 48.72 -2.23 24.77
CA SER B 321 49.72 -3.08 24.13
C SER B 321 49.69 -2.80 22.64
N TRP B 322 50.66 -2.03 22.16
CA TRP B 322 50.69 -1.65 20.76
C TRP B 322 50.94 -2.84 19.86
N GLN B 323 51.58 -3.88 20.38
CA GLN B 323 51.81 -5.11 19.64
C GLN B 323 50.50 -5.76 19.24
N LEU B 324 49.69 -6.13 20.24
CA LEU B 324 48.43 -6.79 19.96
C LEU B 324 47.45 -5.84 19.29
N SER B 325 47.63 -4.54 19.50
CA SER B 325 46.88 -3.55 18.74
C SER B 325 47.18 -3.67 17.25
N LEU B 326 48.47 -3.81 16.91
CA LEU B 326 48.84 -4.01 15.51
C LEU B 326 48.31 -5.33 14.99
N VAL B 327 48.23 -6.34 15.85
CA VAL B 327 47.61 -7.61 15.45
C VAL B 327 46.17 -7.40 15.06
N THR B 328 45.41 -6.69 15.91
CA THR B 328 44.00 -6.43 15.63
C THR B 328 43.82 -5.60 14.37
N PHE B 329 44.71 -4.66 14.14
CA PHE B 329 44.57 -3.78 12.99
C PHE B 329 45.08 -4.43 11.71
N MET B 330 45.85 -5.51 11.82
CA MET B 330 46.10 -6.32 10.64
C MET B 330 44.96 -7.30 10.41
N GLY B 331 44.25 -7.68 11.47
CA GLY B 331 43.21 -8.68 11.35
C GLY B 331 41.87 -8.19 10.86
N PHE B 332 41.27 -7.25 11.61
CA PHE B 332 39.93 -6.77 11.30
C PHE B 332 39.69 -6.29 9.87
N PRO B 333 40.61 -5.59 9.19
CA PRO B 333 40.35 -5.28 7.78
C PRO B 333 40.21 -6.49 6.90
N ILE B 334 40.88 -7.59 7.21
CA ILE B 334 40.74 -8.79 6.40
C ILE B 334 39.33 -9.36 6.53
N ILE B 335 38.85 -9.47 7.77
CA ILE B 335 37.49 -9.94 8.03
C ILE B 335 36.48 -9.07 7.32
N MET B 336 36.61 -7.75 7.49
CA MET B 336 35.65 -6.82 6.90
C MET B 336 35.67 -6.90 5.39
N MET B 337 36.86 -7.03 4.80
CA MET B 337 36.98 -7.10 3.35
C MET B 337 36.33 -8.36 2.79
N VAL B 338 36.66 -9.52 3.38
CA VAL B 338 36.15 -10.76 2.81
C VAL B 338 34.65 -10.86 3.04
N SER B 339 34.17 -10.37 4.18
CA SER B 339 32.74 -10.39 4.46
C SER B 339 32.00 -9.46 3.52
N ASN B 340 32.56 -8.29 3.24
CA ASN B 340 31.90 -7.35 2.34
C ASN B 340 31.84 -7.90 0.92
N ILE B 341 32.94 -8.47 0.44
CA ILE B 341 32.92 -8.92 -0.96
C ILE B 341 32.04 -10.16 -1.11
N TYR B 342 32.07 -11.06 -0.13
CA TYR B 342 31.25 -12.25 -0.25
C TYR B 342 29.78 -11.93 -0.03
N GLY B 343 29.47 -11.00 0.88
CA GLY B 343 28.11 -10.57 1.07
C GLY B 343 27.57 -9.81 -0.13
N LYS B 344 28.44 -9.07 -0.83
CA LYS B 344 28.02 -8.40 -2.05
C LYS B 344 27.65 -9.42 -3.12
N TYR B 345 28.50 -10.44 -3.29
CA TYR B 345 28.19 -11.55 -4.20
C TYR B 345 26.86 -12.20 -3.83
N TYR B 346 26.70 -12.47 -2.54
CA TYR B 346 25.50 -13.11 -2.00
C TYR B 346 24.25 -12.27 -2.27
N LYS B 347 24.33 -10.98 -1.97
CA LYS B 347 23.16 -10.11 -2.09
C LYS B 347 22.79 -9.92 -3.55
N ARG B 348 23.79 -9.82 -4.43
CA ARG B 348 23.51 -9.75 -5.85
C ARG B 348 22.77 -11.00 -6.33
N LEU B 349 23.22 -12.17 -5.85
CA LEU B 349 22.54 -13.41 -6.22
C LEU B 349 21.10 -13.43 -5.73
N SER B 350 20.89 -13.07 -4.47
CA SER B 350 19.53 -13.15 -3.91
C SER B 350 18.60 -12.15 -4.57
N LYS B 351 19.11 -10.96 -4.90
CA LYS B 351 18.29 -9.99 -5.61
C LYS B 351 17.97 -10.45 -7.02
N GLU B 352 18.90 -11.17 -7.65
CA GLU B 352 18.60 -11.78 -8.94
C GLU B 352 17.46 -12.77 -8.82
N VAL B 353 17.48 -13.58 -7.75
CA VAL B 353 16.42 -14.55 -7.52
C VAL B 353 15.08 -13.85 -7.36
N GLN B 354 15.06 -12.79 -6.55
CA GLN B 354 13.80 -12.08 -6.30
C GLN B 354 13.27 -11.41 -7.56
N SER B 355 14.16 -10.82 -8.36
CA SER B 355 13.71 -10.16 -9.58
C SER B 355 13.17 -11.18 -10.58
N ALA B 356 13.81 -12.34 -10.68
CA ALA B 356 13.29 -13.38 -11.56
C ALA B 356 11.95 -13.89 -11.07
N LEU B 357 11.78 -13.95 -9.75
CA LEU B 357 10.50 -14.35 -9.18
C LEU B 357 9.39 -13.38 -9.55
N ALA B 358 9.67 -12.08 -9.43
CA ALA B 358 8.68 -11.08 -9.79
C ALA B 358 8.36 -11.15 -11.29
N ARG B 359 9.41 -11.31 -12.11
CA ARG B 359 9.22 -11.40 -13.55
C ARG B 359 8.40 -12.61 -13.93
N ALA B 360 8.52 -13.70 -13.18
CA ALA B 360 7.68 -14.85 -13.47
C ALA B 360 6.26 -14.65 -12.97
N SER B 361 6.10 -13.98 -11.83
CA SER B 361 4.77 -13.87 -11.25
C SER B 361 3.88 -12.92 -12.02
N THR B 362 4.47 -11.89 -12.64
CA THR B 362 3.64 -10.89 -13.31
C THR B 362 2.90 -11.45 -14.51
N THR B 363 3.40 -12.52 -15.12
CA THR B 363 2.66 -13.16 -16.20
C THR B 363 1.35 -13.73 -15.69
N ALA B 364 1.42 -14.51 -14.62
CA ALA B 364 0.21 -15.06 -14.02
C ALA B 364 -0.69 -13.96 -13.50
N GLU B 365 -0.09 -12.85 -13.04
CA GLU B 365 -0.89 -11.71 -12.63
C GLU B 365 -1.69 -11.15 -13.81
N GLU B 366 -1.03 -11.02 -14.96
CA GLU B 366 -1.71 -10.52 -16.16
C GLU B 366 -2.84 -11.45 -16.56
N THR B 367 -2.62 -12.76 -16.46
CA THR B 367 -3.68 -13.72 -16.75
C THR B 367 -4.86 -13.54 -15.81
N ILE B 368 -4.58 -13.62 -14.51
CA ILE B 368 -5.65 -13.63 -13.51
C ILE B 368 -6.34 -12.28 -13.40
N SER B 369 -5.73 -11.22 -13.89
CA SER B 369 -6.32 -9.90 -13.76
C SER B 369 -7.43 -9.66 -14.78
N ALA B 370 -7.41 -10.36 -15.90
CA ALA B 370 -8.41 -10.18 -16.93
C ALA B 370 -8.85 -11.52 -17.49
N MET B 371 -9.10 -12.47 -16.60
CA MET B 371 -9.19 -13.86 -17.01
C MET B 371 -10.42 -14.20 -17.83
N LYS B 372 -11.33 -13.24 -18.02
CA LYS B 372 -12.53 -13.49 -18.82
C LYS B 372 -12.16 -13.91 -20.23
N THR B 373 -11.18 -13.24 -20.83
CA THR B 373 -10.83 -13.53 -22.20
C THR B 373 -10.15 -14.88 -22.35
N VAL B 374 -9.21 -15.18 -21.44
CA VAL B 374 -8.51 -16.45 -21.59
C VAL B 374 -9.45 -17.59 -21.27
N ARG B 375 -10.39 -17.39 -20.34
CA ARG B 375 -11.44 -18.39 -20.14
C ARG B 375 -12.32 -18.50 -21.37
N SER B 376 -12.52 -17.39 -22.08
CA SER B 376 -13.20 -17.44 -23.36
C SER B 376 -12.38 -18.15 -24.43
N PHE B 377 -11.10 -18.39 -24.18
CA PHE B 377 -10.30 -19.16 -25.11
C PHE B 377 -9.73 -20.44 -24.52
N ALA B 378 -9.76 -20.61 -23.20
CA ALA B 378 -9.39 -21.86 -22.51
C ALA B 378 -7.94 -22.26 -22.81
N ASN B 379 -7.01 -21.44 -22.34
CA ASN B 379 -5.60 -21.76 -22.45
C ASN B 379 -4.89 -21.73 -21.12
N GLU B 380 -5.65 -21.76 -20.02
CA GLU B 380 -5.09 -21.64 -18.68
C GLU B 380 -4.13 -22.77 -18.35
N GLU B 381 -4.31 -23.94 -18.96
CA GLU B 381 -3.38 -25.03 -18.74
C GLU B 381 -2.02 -24.69 -19.32
N GLU B 382 -2.01 -24.06 -20.50
CA GLU B 382 -0.76 -23.59 -21.07
C GLU B 382 -0.15 -22.49 -20.22
N GLU B 383 -0.99 -21.70 -19.55
CA GLU B 383 -0.47 -20.67 -18.67
C GLU B 383 0.22 -21.28 -17.47
N ALA B 384 -0.39 -22.30 -16.87
CA ALA B 384 0.24 -23.02 -15.78
C ALA B 384 1.54 -23.66 -16.24
N GLU B 385 1.56 -24.19 -17.46
CA GLU B 385 2.76 -24.82 -17.99
C GLU B 385 3.90 -23.82 -18.10
N VAL B 386 3.66 -22.71 -18.78
CA VAL B 386 4.71 -21.73 -18.97
C VAL B 386 5.08 -21.10 -17.63
N PHE B 387 4.13 -21.05 -16.69
CA PHE B 387 4.40 -20.55 -15.36
C PHE B 387 5.42 -21.43 -14.65
N LEU B 388 5.11 -22.71 -14.50
CA LEU B 388 6.04 -23.61 -13.82
C LEU B 388 7.35 -23.74 -14.57
N ARG B 389 7.32 -23.54 -15.89
CA ARG B 389 8.55 -23.49 -16.66
C ARG B 389 9.45 -22.35 -16.21
N LYS B 390 8.87 -21.15 -16.09
CA LYS B 390 9.60 -20.01 -15.54
C LYS B 390 10.13 -20.31 -14.14
N LEU B 391 9.30 -20.94 -13.32
CA LEU B 391 9.72 -21.15 -11.94
C LEU B 391 10.83 -22.18 -11.83
N GLN B 392 10.83 -23.18 -12.72
CA GLN B 392 11.95 -24.12 -12.76
C GLN B 392 13.23 -23.41 -13.18
N GLN B 393 13.11 -22.53 -14.18
CA GLN B 393 14.25 -21.70 -14.57
C GLN B 393 14.75 -20.85 -13.41
N VAL B 394 13.86 -20.50 -12.48
CA VAL B 394 14.29 -19.73 -11.32
C VAL B 394 15.07 -20.61 -10.34
N TYR B 395 14.52 -21.77 -9.99
CA TYR B 395 15.12 -22.50 -8.88
C TYR B 395 16.44 -23.15 -9.29
N LYS B 396 16.65 -23.33 -10.60
CA LYS B 396 17.97 -23.72 -11.07
C LYS B 396 19.03 -22.70 -10.65
N LEU B 397 18.71 -21.41 -10.73
CA LEU B 397 19.65 -20.39 -10.29
C LEU B 397 19.73 -20.35 -8.76
N ASN B 398 18.60 -20.61 -8.10
CA ASN B 398 18.57 -20.54 -6.65
C ASN B 398 19.52 -21.56 -6.02
N ARG B 399 19.72 -22.70 -6.70
CA ARG B 399 20.72 -23.66 -6.26
C ARG B 399 22.10 -23.02 -6.11
N LYS B 400 22.54 -22.31 -7.14
CA LYS B 400 23.83 -21.63 -7.10
C LYS B 400 23.87 -20.59 -6.00
N GLU B 401 22.78 -19.86 -5.83
CA GLU B 401 22.70 -18.86 -4.76
C GLU B 401 22.96 -19.48 -3.40
N ALA B 402 22.30 -20.60 -3.13
CA ALA B 402 22.43 -21.25 -1.83
C ALA B 402 23.84 -21.77 -1.61
N ALA B 403 24.44 -22.34 -2.65
CA ALA B 403 25.82 -22.82 -2.53
C ALA B 403 26.77 -21.67 -2.19
N ALA B 404 26.54 -20.51 -2.81
CA ALA B 404 27.37 -19.35 -2.50
C ALA B 404 27.21 -18.92 -1.06
N TYR B 405 25.97 -18.98 -0.54
CA TYR B 405 25.75 -18.64 0.87
C TYR B 405 26.52 -19.57 1.78
N MET B 406 26.54 -20.86 1.43
CA MET B 406 27.30 -21.83 2.21
C MET B 406 28.77 -21.46 2.25
N SER B 407 29.33 -21.11 1.10
CA SER B 407 30.74 -20.74 1.06
C SER B 407 31.00 -19.49 1.90
N TYR B 408 30.06 -18.55 1.87
CA TYR B 408 30.17 -17.33 2.67
C TYR B 408 30.29 -17.62 4.15
N VAL B 409 29.36 -18.41 4.68
CA VAL B 409 29.36 -18.61 6.12
C VAL B 409 30.57 -19.44 6.53
N TRP B 410 30.99 -20.39 5.67
CA TRP B 410 32.23 -21.12 5.89
C TRP B 410 33.41 -20.17 6.06
N GLY B 411 33.59 -19.28 5.10
CA GLY B 411 34.76 -18.41 5.11
C GLY B 411 34.75 -17.46 6.29
N SER B 412 33.58 -16.89 6.60
CA SER B 412 33.49 -15.96 7.72
C SER B 412 33.85 -16.63 9.03
N GLY B 413 33.24 -17.80 9.29
CA GLY B 413 33.54 -18.51 10.53
C GLY B 413 35.00 -18.90 10.64
N LEU B 414 35.55 -19.44 9.54
CA LEU B 414 36.92 -19.91 9.57
C LEU B 414 37.90 -18.76 9.81
N THR B 415 37.69 -17.63 9.14
CA THR B 415 38.61 -16.53 9.26
C THR B 415 38.55 -15.91 10.65
N LEU B 416 37.34 -15.68 11.17
CA LEU B 416 37.23 -15.10 12.50
C LEU B 416 37.82 -16.03 13.54
N LEU B 417 37.62 -17.34 13.35
CA LEU B 417 38.25 -18.35 14.18
C LEU B 417 39.76 -18.20 14.23
N VAL B 418 40.39 -18.19 13.06
CA VAL B 418 41.85 -18.28 13.04
C VAL B 418 42.46 -16.99 13.55
N VAL B 419 41.83 -15.84 13.27
CA VAL B 419 42.39 -14.61 13.79
C VAL B 419 42.24 -14.55 15.30
N GLN B 420 41.10 -15.03 15.83
CA GLN B 420 40.89 -14.98 17.28
C GLN B 420 41.87 -15.88 18.01
N VAL B 421 42.09 -17.09 17.49
CA VAL B 421 42.98 -18.00 18.18
C VAL B 421 44.41 -17.54 18.06
N SER B 422 44.76 -16.83 16.98
CA SER B 422 46.10 -16.27 16.91
C SER B 422 46.29 -15.19 17.97
N ILE B 423 45.26 -14.34 18.16
CA ILE B 423 45.32 -13.33 19.21
C ILE B 423 45.53 -13.97 20.56
N LEU B 424 44.75 -15.02 20.85
CA LEU B 424 44.82 -15.64 22.17
C LEU B 424 46.18 -16.30 22.41
N TYR B 425 46.71 -16.99 21.41
CA TYR B 425 47.99 -17.65 21.59
C TYR B 425 49.12 -16.66 21.75
N TYR B 426 49.11 -15.59 20.95
CA TYR B 426 50.15 -14.57 21.09
C TYR B 426 50.05 -13.89 22.43
N GLY B 427 48.82 -13.69 22.93
CA GLY B 427 48.66 -13.10 24.23
C GLY B 427 49.17 -13.99 25.34
N GLY B 428 48.96 -15.30 25.21
CA GLY B 428 49.50 -16.22 26.20
C GLY B 428 51.01 -16.23 26.21
N HIS B 429 51.62 -16.22 25.02
CA HIS B 429 53.08 -16.16 24.93
C HIS B 429 53.61 -14.86 25.51
N LEU B 430 52.88 -13.76 25.32
CA LEU B 430 53.33 -12.49 25.86
C LEU B 430 53.08 -12.37 27.35
N VAL B 431 52.10 -13.11 27.88
CA VAL B 431 51.90 -13.13 29.33
C VAL B 431 53.04 -13.90 29.99
N ILE B 432 53.38 -15.07 29.44
CA ILE B 432 54.50 -15.82 29.98
C ILE B 432 55.81 -15.09 29.72
N SER B 433 55.85 -14.21 28.71
CA SER B 433 56.97 -13.30 28.55
C SER B 433 57.11 -12.34 29.72
N GLY B 434 56.06 -12.14 30.50
CA GLY B 434 56.16 -11.50 31.79
C GLY B 434 55.98 -10.00 31.78
N GLN B 435 56.14 -9.35 30.62
CA GLN B 435 56.01 -7.90 30.60
C GLN B 435 54.56 -7.46 30.71
N MET B 436 53.61 -8.36 30.45
CA MET B 436 52.19 -8.04 30.44
C MET B 436 51.49 -8.86 31.51
N SER B 437 50.81 -8.17 32.43
CA SER B 437 50.01 -8.85 33.42
C SER B 437 48.77 -9.46 32.77
N SER B 438 48.10 -10.31 33.54
CA SER B 438 46.91 -10.98 33.05
C SER B 438 45.79 -9.99 32.76
N GLY B 439 45.61 -9.02 33.67
CA GLY B 439 44.52 -8.07 33.52
C GLY B 439 44.62 -7.24 32.27
N ASN B 440 45.83 -7.04 31.77
CA ASN B 440 46.01 -6.40 30.48
C ASN B 440 45.34 -7.20 29.38
N LEU B 441 45.58 -8.51 29.36
CA LEU B 441 44.96 -9.35 28.35
C LEU B 441 43.46 -9.41 28.54
N ILE B 442 43.02 -9.40 29.80
CA ILE B 442 41.59 -9.40 30.10
C ILE B 442 40.93 -8.19 29.49
N ALA B 443 41.50 -7.01 29.75
CA ALA B 443 41.00 -5.78 29.18
C ALA B 443 41.02 -5.83 27.66
N PHE B 444 42.08 -6.41 27.10
CA PHE B 444 42.20 -6.44 25.64
C PHE B 444 41.08 -7.25 25.02
N ILE B 445 40.79 -8.42 25.56
CA ILE B 445 39.79 -9.27 24.93
C ILE B 445 38.38 -8.70 25.16
N ILE B 446 38.13 -8.15 26.35
CA ILE B 446 36.79 -7.61 26.59
C ILE B 446 36.55 -6.38 25.73
N TYR B 447 37.55 -5.52 25.64
CA TYR B 447 37.40 -4.30 24.88
C TYR B 447 37.33 -4.58 23.39
N GLU B 448 38.04 -5.63 23.03
CA GLU B 448 37.91 -6.05 21.64
C GLU B 448 36.45 -6.47 21.53
N PHE B 449 35.89 -7.07 22.57
CA PHE B 449 34.52 -7.59 22.36
C PHE B 449 33.53 -6.47 22.11
N VAL B 450 33.59 -5.43 22.91
CA VAL B 450 32.57 -4.37 22.72
C VAL B 450 32.79 -3.72 21.36
N LEU B 451 34.05 -3.50 20.99
CA LEU B 451 34.41 -2.89 19.69
C LEU B 451 33.60 -3.60 18.62
N GLY B 452 33.67 -4.92 18.62
CA GLY B 452 32.91 -5.62 17.60
C GLY B 452 31.42 -5.30 17.68
N ASP B 453 30.90 -5.21 18.90
CA ASP B 453 29.51 -4.81 19.08
C ASP B 453 29.25 -3.44 18.47
N CYS B 454 30.14 -2.47 18.75
CA CYS B 454 29.92 -1.12 18.26
C CYS B 454 30.03 -1.05 16.75
N MET B 455 30.94 -1.83 16.17
CA MET B 455 31.05 -1.85 14.72
C MET B 455 29.80 -2.43 14.08
N GLU B 456 29.25 -3.48 14.68
CA GLU B 456 27.96 -4.01 14.24
C GLU B 456 26.89 -2.94 14.26
N SER B 457 26.84 -2.15 15.35
CA SER B 457 25.78 -1.16 15.49
C SER B 457 25.88 -0.08 14.42
N VAL B 458 27.09 0.43 14.19
CA VAL B 458 27.21 1.53 13.23
C VAL B 458 26.94 1.02 11.81
N GLY B 459 27.36 -0.21 11.50
CA GLY B 459 27.04 -0.79 10.21
C GLY B 459 25.56 -1.02 10.04
N SER B 460 24.83 -1.25 11.13
CA SER B 460 23.39 -1.34 11.02
C SER B 460 22.76 0.01 10.77
N VAL B 461 23.23 1.05 11.46
CA VAL B 461 22.46 2.29 11.44
C VAL B 461 22.66 3.08 10.15
N TYR B 462 23.87 3.03 9.55
CA TYR B 462 24.24 3.98 8.50
C TYR B 462 23.27 4.01 7.33
N SER B 463 22.78 2.84 6.92
CA SER B 463 21.88 2.76 5.78
C SER B 463 20.54 3.42 6.08
N GLY B 464 19.95 3.11 7.24
CA GLY B 464 18.72 3.75 7.63
C GLY B 464 18.87 5.24 7.82
N LEU B 465 20.07 5.68 8.23
CA LEU B 465 20.33 7.10 8.32
C LEU B 465 20.29 7.76 6.96
N MET B 466 20.91 7.12 5.96
CA MET B 466 20.84 7.66 4.60
C MET B 466 19.41 7.67 4.10
N GLN B 467 18.65 6.65 4.44
CA GLN B 467 17.23 6.60 4.10
C GLN B 467 16.47 7.76 4.70
N GLY B 468 16.74 8.05 5.97
CA GLY B 468 16.05 9.13 6.64
C GLY B 468 16.39 10.49 6.06
N VAL B 469 17.67 10.72 5.76
CA VAL B 469 18.03 12.03 5.23
C VAL B 469 17.52 12.16 3.79
N GLY B 470 17.38 11.04 3.08
CA GLY B 470 16.73 11.08 1.79
C GLY B 470 15.27 11.46 1.91
N ALA B 471 14.57 10.86 2.86
CA ALA B 471 13.17 11.22 3.07
C ALA B 471 13.00 12.61 3.63
N ALA B 472 14.06 13.18 4.21
CA ALA B 472 13.95 14.45 4.90
C ALA B 472 13.70 15.61 3.95
N GLU B 473 14.27 15.55 2.74
CA GLU B 473 14.25 16.70 1.84
C GLU B 473 13.01 16.74 0.98
N LYS B 474 11.90 16.17 1.46
CA LYS B 474 10.63 16.31 0.78
C LYS B 474 9.68 17.26 1.46
N VAL B 475 9.84 17.50 2.76
CA VAL B 475 8.94 18.41 3.45
C VAL B 475 9.31 19.86 3.18
N PHE B 476 10.60 20.12 2.96
CA PHE B 476 11.03 21.47 2.64
C PHE B 476 10.81 21.79 1.17
N GLU B 477 10.35 20.81 0.38
CA GLU B 477 9.91 21.10 -0.98
C GLU B 477 8.69 22.02 -0.97
N PHE B 478 7.92 22.00 0.10
CA PHE B 478 6.66 22.72 0.12
C PHE B 478 6.49 23.61 1.34
N ILE B 479 7.21 23.36 2.43
CA ILE B 479 6.95 24.13 3.64
C ILE B 479 7.36 25.58 3.46
N ASP B 480 8.28 25.87 2.56
CA ASP B 480 8.59 27.23 2.13
C ASP B 480 8.31 27.25 0.64
N ARG B 481 7.05 27.46 0.28
CA ARG B 481 6.63 27.49 -1.11
C ARG B 481 5.71 28.69 -1.27
N GLN B 482 6.00 29.50 -2.26
CA GLN B 482 5.30 30.77 -2.39
C GLN B 482 3.89 30.55 -2.91
N PRO B 483 2.88 31.18 -2.33
CA PRO B 483 1.56 31.20 -2.96
C PRO B 483 1.61 31.97 -4.26
N THR B 484 0.70 31.60 -5.16
CA THR B 484 0.65 32.21 -6.49
C THR B 484 -0.46 33.23 -6.65
N MET B 485 -1.29 33.44 -5.62
CA MET B 485 -2.41 34.36 -5.70
C MET B 485 -2.40 35.27 -4.49
N VAL B 486 -2.40 36.58 -4.75
CA VAL B 486 -2.52 37.55 -3.67
C VAL B 486 -3.95 37.56 -3.16
N HIS B 487 -4.11 38.04 -1.93
CA HIS B 487 -5.42 38.14 -1.30
C HIS B 487 -5.61 39.50 -0.64
N ASP B 488 -5.05 40.53 -1.25
CA ASP B 488 -5.03 41.89 -0.73
C ASP B 488 -6.38 42.56 -0.72
N GLY B 489 -7.42 41.91 -1.24
CA GLY B 489 -8.71 42.56 -1.35
C GLY B 489 -9.30 42.85 0.01
N SER B 490 -9.95 44.00 0.13
CA SER B 490 -10.36 44.49 1.43
C SER B 490 -11.76 45.09 1.45
N LEU B 491 -12.45 45.19 0.32
CA LEU B 491 -13.75 45.86 0.33
C LEU B 491 -14.79 45.02 1.04
N ALA B 492 -15.53 45.66 1.94
CA ALA B 492 -16.56 44.97 2.72
C ALA B 492 -17.60 45.98 3.14
N PRO B 493 -18.55 46.30 2.26
CA PRO B 493 -19.65 47.18 2.65
C PRO B 493 -20.59 46.50 3.62
N ASP B 494 -21.44 47.32 4.25
CA ASP B 494 -22.40 46.79 5.22
C ASP B 494 -23.43 45.91 4.55
N HIS B 495 -23.82 46.26 3.32
CA HIS B 495 -24.72 45.42 2.53
C HIS B 495 -24.46 45.74 1.06
N LEU B 496 -25.00 44.89 0.19
CA LEU B 496 -24.71 44.99 -1.22
C LEU B 496 -25.96 44.58 -2.00
N GLU B 497 -25.96 44.90 -3.28
CA GLU B 497 -27.12 44.70 -4.14
C GLU B 497 -26.97 43.50 -5.07
N GLY B 498 -25.81 43.32 -5.68
CA GLY B 498 -25.55 42.09 -6.40
C GLY B 498 -25.89 42.08 -7.88
N ARG B 499 -25.36 43.05 -8.63
CA ARG B 499 -25.40 42.97 -10.09
C ARG B 499 -24.05 42.43 -10.54
N VAL B 500 -23.89 41.12 -10.41
CA VAL B 500 -22.68 40.48 -10.90
C VAL B 500 -22.71 40.44 -12.42
N ASP B 501 -21.60 40.81 -13.03
CA ASP B 501 -21.52 40.97 -14.47
C ASP B 501 -20.26 40.27 -14.97
N PHE B 502 -20.03 40.38 -16.29
CA PHE B 502 -18.84 39.85 -16.92
C PHE B 502 -18.42 40.81 -18.02
N GLU B 503 -17.18 40.67 -18.48
CA GLU B 503 -16.65 41.52 -19.56
C GLU B 503 -15.84 40.63 -20.50
N ASN B 504 -16.52 40.05 -21.49
CA ASN B 504 -15.95 39.27 -22.61
C ASN B 504 -14.80 38.38 -22.18
N VAL B 505 -14.99 37.67 -21.09
CA VAL B 505 -13.90 36.96 -20.46
C VAL B 505 -13.63 35.66 -21.21
N THR B 506 -12.36 35.26 -21.20
CA THR B 506 -11.94 34.00 -21.78
C THR B 506 -11.11 33.24 -20.75
N PHE B 507 -11.07 31.91 -20.89
CA PHE B 507 -10.39 31.13 -19.88
C PHE B 507 -9.94 29.79 -20.44
N THR B 508 -8.80 29.35 -19.96
CA THR B 508 -8.28 28.00 -20.15
C THR B 508 -7.63 27.55 -18.85
N TYR B 509 -7.50 26.24 -18.69
CA TYR B 509 -6.84 25.71 -17.50
C TYR B 509 -5.34 25.97 -17.55
N ARG B 510 -4.73 26.06 -16.36
CA ARG B 510 -3.30 26.25 -16.29
C ARG B 510 -2.51 24.98 -16.58
N THR B 511 -3.18 23.82 -16.59
CA THR B 511 -2.50 22.59 -16.98
C THR B 511 -2.13 22.63 -18.46
N ARG B 512 -3.12 22.84 -19.32
CA ARG B 512 -2.88 22.98 -20.76
C ARG B 512 -3.49 24.28 -21.22
N PRO B 513 -2.69 25.27 -21.62
CA PRO B 513 -3.26 26.54 -22.06
C PRO B 513 -3.94 26.48 -23.41
N HIS B 514 -3.70 25.43 -24.19
CA HIS B 514 -4.32 25.34 -25.51
C HIS B 514 -5.78 24.90 -25.43
N THR B 515 -6.09 24.01 -24.49
CA THR B 515 -7.46 23.56 -24.31
C THR B 515 -8.30 24.69 -23.74
N GLN B 516 -9.13 25.30 -24.59
CA GLN B 516 -9.95 26.44 -24.20
C GLN B 516 -11.31 25.98 -23.72
N VAL B 517 -11.83 26.66 -22.70
CA VAL B 517 -13.16 26.33 -22.16
C VAL B 517 -14.01 27.58 -22.10
N LEU B 518 -13.43 28.73 -22.44
CA LEU B 518 -14.15 29.98 -22.37
C LEU B 518 -13.54 30.97 -23.36
N GLN B 519 -14.39 31.61 -24.15
CA GLN B 519 -13.93 32.55 -25.19
C GLN B 519 -14.90 33.73 -25.26
N ASN B 520 -14.55 34.82 -24.58
CA ASN B 520 -15.06 36.16 -24.85
C ASN B 520 -16.57 36.27 -24.64
N VAL B 521 -16.99 36.04 -23.40
CA VAL B 521 -18.40 36.04 -23.05
C VAL B 521 -18.66 37.05 -21.94
N SER B 522 -19.75 37.80 -22.05
CA SER B 522 -20.21 38.70 -21.01
C SER B 522 -21.72 38.67 -20.95
N PHE B 523 -22.25 38.87 -19.74
CA PHE B 523 -23.68 39.01 -19.50
C PHE B 523 -23.85 39.50 -18.07
N SER B 524 -24.89 40.30 -17.88
CA SER B 524 -25.19 40.83 -16.55
C SER B 524 -26.11 39.87 -15.81
N LEU B 525 -26.35 40.16 -14.54
CA LEU B 525 -27.32 39.44 -13.74
C LEU B 525 -28.13 40.46 -12.95
N SER B 526 -29.42 40.52 -13.22
CA SER B 526 -30.28 41.49 -12.56
C SER B 526 -30.48 41.10 -11.10
N PRO B 527 -30.21 42.00 -10.16
CA PRO B 527 -30.34 41.65 -8.74
C PRO B 527 -31.79 41.40 -8.34
N GLY B 528 -31.96 40.47 -7.42
CA GLY B 528 -33.28 40.15 -6.91
C GLY B 528 -34.16 39.36 -7.84
N LYS B 529 -33.56 38.67 -8.82
CA LYS B 529 -34.35 37.88 -9.76
C LYS B 529 -33.69 36.53 -9.97
N VAL B 530 -34.47 35.61 -10.50
CA VAL B 530 -34.02 34.25 -10.76
C VAL B 530 -33.47 34.19 -12.18
N THR B 531 -32.24 33.71 -12.31
CA THR B 531 -31.58 33.64 -13.61
C THR B 531 -30.88 32.31 -13.74
N ALA B 532 -31.21 31.56 -14.77
CA ALA B 532 -30.62 30.26 -15.01
C ALA B 532 -29.77 30.31 -16.27
N LEU B 533 -29.04 29.22 -16.50
CA LEU B 533 -28.12 29.14 -17.63
C LEU B 533 -27.77 27.68 -17.86
N VAL B 534 -27.78 27.28 -19.12
CA VAL B 534 -27.27 25.99 -19.57
C VAL B 534 -26.59 26.21 -20.91
N GLY B 535 -25.32 25.84 -21.01
CA GLY B 535 -24.57 26.01 -22.23
C GLY B 535 -24.88 24.93 -23.25
N PRO B 536 -23.84 24.36 -23.86
CA PRO B 536 -24.04 23.32 -24.87
C PRO B 536 -24.27 21.94 -24.30
N SER B 537 -24.33 21.81 -22.98
CA SER B 537 -24.41 20.56 -22.21
C SER B 537 -23.22 19.63 -22.43
N GLY B 538 -22.19 20.08 -23.14
CA GLY B 538 -20.99 19.30 -23.30
C GLY B 538 -19.82 19.97 -22.62
N SER B 539 -19.83 21.30 -22.62
CA SER B 539 -18.78 22.06 -21.96
C SER B 539 -18.95 22.00 -20.45
N GLY B 540 -17.81 22.00 -19.75
CA GLY B 540 -17.83 22.05 -18.30
C GLY B 540 -18.14 23.46 -17.81
N LYS B 541 -19.38 23.88 -18.01
CA LYS B 541 -19.82 25.24 -17.74
C LYS B 541 -19.74 25.60 -16.26
N SER B 542 -19.54 24.62 -15.38
CA SER B 542 -19.21 24.86 -13.98
C SER B 542 -17.94 25.69 -13.80
N SER B 543 -17.12 25.78 -14.84
CA SER B 543 -16.02 26.72 -14.87
C SER B 543 -16.47 28.15 -14.59
N CYS B 544 -17.70 28.50 -14.99
CA CYS B 544 -18.23 29.81 -14.64
C CYS B 544 -18.40 29.94 -13.14
N VAL B 545 -18.84 28.86 -12.47
CA VAL B 545 -18.92 28.89 -11.02
C VAL B 545 -17.53 28.98 -10.41
N ASN B 546 -16.55 28.38 -11.07
CA ASN B 546 -15.19 28.44 -10.58
C ASN B 546 -14.62 29.84 -10.68
N ILE B 547 -14.93 30.56 -11.75
CA ILE B 547 -14.47 31.94 -11.82
C ILE B 547 -15.32 32.84 -10.94
N LEU B 548 -16.51 32.40 -10.54
CA LEU B 548 -17.23 33.13 -9.51
C LEU B 548 -16.53 33.02 -8.17
N GLU B 549 -16.06 31.82 -7.82
CA GLU B 549 -15.51 31.61 -6.49
C GLU B 549 -14.04 31.96 -6.38
N ASN B 550 -13.49 32.66 -7.39
CA ASN B 550 -12.13 33.19 -7.35
C ASN B 550 -11.09 32.10 -7.13
N PHE B 551 -11.35 30.93 -7.69
CA PHE B 551 -10.41 29.82 -7.55
C PHE B 551 -9.22 29.94 -8.47
N TYR B 552 -9.29 30.80 -9.48
CA TYR B 552 -8.24 30.92 -10.48
C TYR B 552 -8.16 32.37 -10.90
N PRO B 553 -7.05 32.81 -11.46
CA PRO B 553 -7.02 34.09 -12.15
C PRO B 553 -7.68 33.95 -13.51
N LEU B 554 -7.84 35.09 -14.18
CA LEU B 554 -8.45 35.14 -15.49
C LEU B 554 -7.48 35.74 -16.50
N GLN B 555 -7.56 35.23 -17.73
CA GLN B 555 -6.64 35.67 -18.78
C GLN B 555 -7.12 36.95 -19.43
N GLY B 556 -8.30 36.90 -20.05
CA GLY B 556 -8.82 38.04 -20.78
C GLY B 556 -10.07 38.61 -20.16
N GLY B 557 -10.31 39.90 -20.40
CA GLY B 557 -11.47 40.55 -19.85
C GLY B 557 -11.30 40.84 -18.37
N ARG B 558 -12.43 40.86 -17.66
CA ARG B 558 -12.47 41.03 -16.21
C ARG B 558 -13.88 40.68 -15.74
N VAL B 559 -13.95 40.24 -14.49
CA VAL B 559 -15.22 39.98 -13.82
C VAL B 559 -15.29 40.89 -12.59
N LEU B 560 -16.42 41.55 -12.42
CA LEU B 560 -16.58 42.51 -11.33
C LEU B 560 -17.83 42.19 -10.55
N LEU B 561 -18.14 43.05 -9.59
CA LEU B 561 -19.33 42.90 -8.76
C LEU B 561 -19.81 44.29 -8.39
N ASP B 562 -20.98 44.67 -8.90
CA ASP B 562 -21.62 45.96 -8.63
C ASP B 562 -20.69 47.12 -8.93
N GLY B 563 -19.97 47.02 -10.04
CA GLY B 563 -19.00 48.01 -10.44
C GLY B 563 -17.61 47.79 -9.90
N LYS B 564 -17.44 46.89 -8.94
CA LYS B 564 -16.12 46.72 -8.39
C LYS B 564 -15.60 45.32 -8.71
N PRO B 565 -14.32 45.19 -9.07
CA PRO B 565 -13.77 43.87 -9.38
C PRO B 565 -13.79 42.96 -8.18
N ILE B 566 -13.98 41.67 -8.43
CA ILE B 566 -14.22 40.72 -7.36
C ILE B 566 -12.99 40.53 -6.48
N GLY B 567 -11.81 40.90 -6.96
CA GLY B 567 -10.61 40.73 -6.17
C GLY B 567 -10.55 41.69 -4.99
N ALA B 568 -10.89 42.96 -5.24
CA ALA B 568 -10.66 44.00 -4.24
C ALA B 568 -11.56 43.85 -3.01
N TYR B 569 -12.60 43.04 -3.09
CA TYR B 569 -13.38 42.75 -1.91
C TYR B 569 -12.57 41.94 -0.92
N ASP B 570 -12.91 42.06 0.36
CA ASP B 570 -12.29 41.22 1.37
C ASP B 570 -12.61 39.76 1.10
N HIS B 571 -11.58 38.92 1.21
CA HIS B 571 -11.70 37.52 0.84
C HIS B 571 -12.71 36.80 1.72
N LYS B 572 -12.56 36.94 3.04
CA LYS B 572 -13.50 36.34 3.97
C LYS B 572 -14.89 36.93 3.80
N TYR B 573 -14.98 38.25 3.58
CA TYR B 573 -16.28 38.89 3.39
C TYR B 573 -16.95 38.41 2.12
N LEU B 574 -16.17 38.28 1.05
CA LEU B 574 -16.67 37.74 -0.21
C LEU B 574 -17.27 36.36 0.00
N HIS B 575 -16.51 35.46 0.62
CA HIS B 575 -17.04 34.12 0.84
C HIS B 575 -18.17 34.11 1.86
N ARG B 576 -18.30 35.16 2.66
CA ARG B 576 -19.46 35.25 3.53
C ARG B 576 -20.70 35.64 2.74
N VAL B 577 -20.54 36.49 1.73
CA VAL B 577 -21.71 37.04 1.05
C VAL B 577 -22.32 36.02 0.10
N ILE B 578 -21.54 35.53 -0.84
CA ILE B 578 -22.04 34.60 -1.85
C ILE B 578 -21.80 33.18 -1.36
N SER B 579 -22.85 32.37 -1.39
CA SER B 579 -22.76 30.97 -1.00
C SER B 579 -22.58 30.11 -2.23
N LEU B 580 -22.67 28.80 -2.05
CA LEU B 580 -22.44 27.86 -3.14
C LEU B 580 -22.96 26.50 -2.70
N VAL B 581 -23.40 25.71 -3.68
CA VAL B 581 -23.60 24.28 -3.49
C VAL B 581 -22.89 23.57 -4.62
N SER B 582 -22.42 22.36 -4.34
CA SER B 582 -21.75 21.56 -5.34
C SER B 582 -22.76 20.62 -5.99
N GLN B 583 -22.26 19.64 -6.74
CA GLN B 583 -23.12 18.62 -7.32
C GLN B 583 -23.22 17.41 -6.39
N GLU B 584 -22.08 16.87 -5.99
CA GLU B 584 -22.04 15.89 -4.92
C GLU B 584 -21.61 16.64 -3.67
N PRO B 585 -22.54 17.01 -2.79
CA PRO B 585 -22.14 17.71 -1.57
C PRO B 585 -21.41 16.76 -0.64
N VAL B 586 -20.37 17.29 0.00
CA VAL B 586 -19.59 16.52 0.94
C VAL B 586 -19.81 17.08 2.33
N LEU B 587 -19.49 16.27 3.33
CA LEU B 587 -19.62 16.68 4.72
C LEU B 587 -18.50 16.08 5.54
N PHE B 588 -18.40 16.55 6.76
CA PHE B 588 -17.36 16.12 7.68
C PHE B 588 -17.94 15.21 8.75
N ALA B 589 -17.07 14.70 9.61
CA ALA B 589 -17.50 13.88 10.73
C ALA B 589 -17.78 14.76 11.95
N ARG B 590 -18.68 15.72 11.74
CA ARG B 590 -19.16 16.57 12.81
C ARG B 590 -20.67 16.47 12.88
N SER B 591 -21.23 17.02 13.96
CA SER B 591 -22.68 17.03 14.10
C SER B 591 -23.30 17.90 13.01
N ILE B 592 -24.56 17.62 12.70
CA ILE B 592 -25.17 18.22 11.52
C ILE B 592 -25.35 19.72 11.70
N THR B 593 -25.66 20.15 12.91
CA THR B 593 -25.73 21.58 13.18
C THR B 593 -24.36 22.23 13.04
N ASP B 594 -23.32 21.50 13.44
CA ASP B 594 -21.96 21.96 13.16
C ASP B 594 -21.69 21.91 11.66
N ASN B 595 -22.16 20.86 11.01
CA ASN B 595 -22.03 20.78 9.56
C ASN B 595 -22.84 21.87 8.88
N ILE B 596 -23.93 22.31 9.50
CA ILE B 596 -24.68 23.42 8.94
C ILE B 596 -24.02 24.75 9.27
N SER B 597 -23.87 25.04 10.56
CA SER B 597 -23.29 26.31 10.98
C SER B 597 -21.76 26.23 10.94
N TYR B 598 -21.25 25.96 9.74
CA TYR B 598 -19.88 25.48 9.62
C TYR B 598 -18.87 26.62 9.67
N GLY B 599 -18.88 27.48 8.66
CA GLY B 599 -17.82 28.46 8.54
C GLY B 599 -18.14 29.79 9.18
N LEU B 600 -18.69 29.76 10.38
CA LEU B 600 -19.20 30.99 10.96
C LEU B 600 -19.36 30.83 12.47
N PRO B 601 -19.13 31.89 13.24
CA PRO B 601 -19.06 31.73 14.70
C PRO B 601 -20.39 31.60 15.38
N THR B 602 -20.69 30.39 15.87
CA THR B 602 -21.68 30.04 16.89
C THR B 602 -23.00 30.79 16.84
N VAL B 603 -23.52 31.01 15.63
CA VAL B 603 -24.84 31.64 15.49
C VAL B 603 -25.89 30.72 16.08
N PRO B 604 -26.97 31.27 16.67
CA PRO B 604 -27.86 30.45 17.50
C PRO B 604 -28.59 29.37 16.71
N PHE B 605 -29.16 28.45 17.49
CA PHE B 605 -29.64 27.17 16.97
C PHE B 605 -30.99 27.29 16.29
N GLU B 606 -31.79 28.28 16.68
CA GLU B 606 -33.11 28.43 16.08
C GLU B 606 -33.03 28.82 14.61
N MET B 607 -31.93 29.45 14.19
CA MET B 607 -31.74 29.69 12.76
C MET B 607 -31.54 28.38 12.01
N VAL B 608 -30.85 27.43 12.62
CA VAL B 608 -30.72 26.10 12.02
C VAL B 608 -32.09 25.44 11.95
N VAL B 609 -32.93 25.67 12.96
CA VAL B 609 -34.30 25.17 12.91
C VAL B 609 -35.06 25.79 11.74
N GLU B 610 -34.91 27.10 11.56
CA GLU B 610 -35.59 27.80 10.47
C GLU B 610 -35.12 27.29 9.12
N ALA B 611 -33.83 26.97 9.01
CA ALA B 611 -33.32 26.44 7.76
C ALA B 611 -33.87 25.05 7.49
N ALA B 612 -33.89 24.20 8.52
CA ALA B 612 -34.47 22.88 8.37
C ALA B 612 -35.94 22.93 7.99
N GLN B 613 -36.63 23.98 8.43
CA GLN B 613 -37.95 24.26 7.87
C GLN B 613 -37.86 24.62 6.39
N LYS B 614 -37.00 25.59 6.07
CA LYS B 614 -36.93 26.09 4.70
C LYS B 614 -36.32 25.06 3.77
N ALA B 615 -35.40 24.24 4.26
CA ALA B 615 -34.89 23.15 3.44
C ALA B 615 -35.87 22.00 3.33
N ASN B 616 -36.99 22.06 4.06
CA ASN B 616 -37.89 20.92 4.29
C ASN B 616 -37.12 19.75 4.90
N ALA B 617 -36.07 20.07 5.66
CA ALA B 617 -35.23 19.08 6.29
C ALA B 617 -35.63 18.80 7.72
N HIS B 618 -36.48 19.66 8.30
CA HIS B 618 -36.88 19.51 9.70
C HIS B 618 -37.63 18.22 9.95
N GLY B 619 -38.27 17.66 8.93
CA GLY B 619 -38.93 16.39 9.08
C GLY B 619 -37.96 15.26 9.30
N PHE B 620 -37.18 14.91 8.27
CA PHE B 620 -36.43 13.67 8.27
C PHE B 620 -35.33 13.65 9.32
N ILE B 621 -34.90 14.81 9.82
CA ILE B 621 -33.90 14.79 10.88
C ILE B 621 -34.51 14.28 12.18
N MET B 622 -35.83 14.40 12.34
CA MET B 622 -36.48 13.81 13.49
C MET B 622 -36.51 12.29 13.43
N GLU B 623 -36.38 11.71 12.23
CA GLU B 623 -36.26 10.26 12.07
C GLU B 623 -34.82 9.79 12.08
N LEU B 624 -33.95 10.47 12.81
CA LEU B 624 -32.59 10.00 13.03
C LEU B 624 -32.47 9.49 14.45
N GLN B 625 -31.26 9.07 14.81
CA GLN B 625 -31.05 8.46 16.12
C GLN B 625 -31.20 9.48 17.24
N ASP B 626 -30.92 10.74 16.98
CA ASP B 626 -31.09 11.77 17.98
C ASP B 626 -31.95 12.94 17.52
N GLY B 627 -31.78 13.39 16.27
CA GLY B 627 -32.43 14.62 15.86
C GLY B 627 -31.45 15.69 15.45
N TYR B 628 -31.29 16.73 16.27
CA TYR B 628 -30.40 17.82 15.92
C TYR B 628 -28.97 17.59 16.39
N SER B 629 -28.80 17.24 17.66
CA SER B 629 -27.46 17.03 18.20
C SER B 629 -26.83 15.73 17.73
N THR B 630 -27.48 14.98 16.85
CA THR B 630 -26.88 13.78 16.30
C THR B 630 -25.67 14.14 15.45
N GLU B 631 -24.87 13.13 15.16
CA GLU B 631 -23.68 13.28 14.36
C GLU B 631 -23.72 12.28 13.23
N THR B 632 -23.25 12.71 12.05
CA THR B 632 -23.16 11.81 10.90
C THR B 632 -21.96 10.87 11.08
N GLY B 633 -22.21 9.79 11.80
CA GLY B 633 -21.17 8.82 12.08
C GLY B 633 -20.79 7.97 10.87
N GLU B 634 -20.19 6.79 11.16
CA GLU B 634 -19.65 5.83 10.20
C GLU B 634 -18.94 6.49 9.02
N LYS B 635 -18.11 7.49 9.33
CA LYS B 635 -17.36 8.29 8.35
C LYS B 635 -18.29 9.00 7.37
N GLY B 636 -19.50 9.32 7.81
CA GLY B 636 -20.49 9.98 6.97
C GLY B 636 -20.94 9.14 5.80
N ALA B 637 -21.64 8.03 6.08
CA ALA B 637 -22.08 7.13 5.03
C ALA B 637 -23.47 6.57 5.29
N GLN B 638 -24.34 7.34 5.92
CA GLN B 638 -25.65 6.86 6.30
C GLN B 638 -26.82 7.62 5.71
N LEU B 639 -26.58 8.73 5.04
CA LEU B 639 -27.67 9.51 4.45
C LEU B 639 -27.65 9.42 2.93
N SER B 640 -28.83 9.50 2.33
CA SER B 640 -28.94 9.53 0.89
C SER B 640 -28.52 10.89 0.36
N GLY B 641 -28.16 10.91 -0.92
CA GLY B 641 -27.67 12.13 -1.54
C GLY B 641 -28.73 13.21 -1.66
N GLY B 642 -30.00 12.83 -1.69
CA GLY B 642 -31.06 13.82 -1.74
C GLY B 642 -31.09 14.69 -0.50
N GLN B 643 -31.11 14.07 0.67
CA GLN B 643 -31.01 14.84 1.90
C GLN B 643 -29.64 15.47 2.05
N LYS B 644 -28.61 14.92 1.40
CA LYS B 644 -27.31 15.57 1.42
C LYS B 644 -27.37 16.92 0.72
N GLN B 645 -27.97 16.96 -0.47
CA GLN B 645 -28.16 18.24 -1.15
C GLN B 645 -29.10 19.14 -0.37
N ARG B 646 -30.08 18.55 0.30
CA ARG B 646 -31.01 19.32 1.12
C ARG B 646 -30.28 20.03 2.26
N VAL B 647 -29.48 19.28 3.02
CA VAL B 647 -28.77 19.88 4.13
C VAL B 647 -27.67 20.81 3.61
N ALA B 648 -27.18 20.55 2.40
CA ALA B 648 -26.16 21.43 1.83
C ALA B 648 -26.75 22.81 1.53
N MET B 649 -27.91 22.84 0.89
CA MET B 649 -28.52 24.14 0.64
C MET B 649 -29.05 24.75 1.93
N ALA B 650 -29.36 23.91 2.93
CA ALA B 650 -29.66 24.43 4.25
C ALA B 650 -28.45 25.17 4.83
N ARG B 651 -27.25 24.64 4.57
CA ARG B 651 -26.02 25.32 4.99
C ARG B 651 -25.91 26.69 4.35
N ALA B 652 -26.40 26.84 3.13
CA ALA B 652 -26.37 28.15 2.50
C ALA B 652 -27.33 29.11 3.17
N LEU B 653 -28.51 28.63 3.55
CA LEU B 653 -29.58 29.55 3.93
C LEU B 653 -29.33 30.18 5.28
N VAL B 654 -28.56 29.53 6.16
CA VAL B 654 -28.28 30.13 7.45
C VAL B 654 -27.36 31.33 7.31
N ARG B 655 -26.63 31.43 6.21
CA ARG B 655 -25.77 32.57 5.99
C ARG B 655 -26.57 33.82 5.64
N ASN B 656 -27.83 33.64 5.29
CA ASN B 656 -28.65 34.66 4.66
C ASN B 656 -27.92 35.35 3.50
N PRO B 657 -27.59 34.61 2.44
CA PRO B 657 -26.80 35.19 1.37
C PRO B 657 -27.67 36.06 0.48
N PRO B 658 -27.17 37.24 0.10
CA PRO B 658 -27.93 38.05 -0.86
C PRO B 658 -27.91 37.47 -2.25
N VAL B 659 -26.77 36.95 -2.65
CA VAL B 659 -26.61 36.29 -3.94
C VAL B 659 -26.30 34.83 -3.67
N LEU B 660 -26.79 33.96 -4.54
CA LEU B 660 -26.77 32.53 -4.31
C LEU B 660 -26.29 31.80 -5.54
N ILE B 661 -25.62 30.67 -5.32
CA ILE B 661 -25.20 29.77 -6.38
C ILE B 661 -25.88 28.42 -6.15
N LEU B 662 -26.57 27.95 -7.17
CA LEU B 662 -27.28 26.68 -7.08
C LEU B 662 -27.07 25.90 -8.37
N ASP B 663 -26.76 24.61 -8.22
CA ASP B 663 -26.65 23.72 -9.38
C ASP B 663 -27.00 22.33 -8.92
N GLU B 664 -28.20 21.88 -9.25
CA GLU B 664 -28.64 20.53 -8.94
C GLU B 664 -27.90 19.53 -9.83
N ALA B 665 -27.55 18.38 -9.25
CA ALA B 665 -26.82 17.35 -9.97
C ALA B 665 -27.76 16.60 -10.93
N THR B 666 -27.26 15.53 -11.54
CA THR B 666 -28.01 14.85 -12.59
C THR B 666 -29.16 14.02 -12.03
N SER B 667 -29.02 13.52 -10.80
CA SER B 667 -30.02 12.59 -10.27
C SER B 667 -31.31 13.31 -9.91
N ALA B 668 -31.25 14.22 -8.93
CA ALA B 668 -32.39 15.01 -8.45
C ALA B 668 -33.55 14.10 -8.00
N LEU B 669 -33.21 12.96 -7.40
CA LEU B 669 -34.18 11.91 -7.12
C LEU B 669 -35.02 12.18 -5.88
N ASP B 670 -35.07 13.42 -5.39
CA ASP B 670 -35.84 13.73 -4.19
C ASP B 670 -37.31 13.92 -4.57
N ALA B 671 -38.10 14.46 -3.64
CA ALA B 671 -39.53 14.64 -3.85
C ALA B 671 -39.86 15.66 -4.93
N GLU B 672 -38.89 16.48 -5.33
CA GLU B 672 -38.92 17.34 -6.52
C GLU B 672 -39.88 18.52 -6.39
N SER B 673 -40.68 18.55 -5.31
CA SER B 673 -41.47 19.74 -5.03
C SER B 673 -40.61 20.82 -4.42
N GLU B 674 -39.58 20.43 -3.68
CA GLU B 674 -38.61 21.39 -3.16
C GLU B 674 -37.91 22.13 -4.29
N TYR B 675 -37.78 21.51 -5.47
CA TYR B 675 -37.12 22.18 -6.57
C TYR B 675 -38.00 23.28 -7.16
N LEU B 676 -39.29 23.00 -7.35
CA LEU B 676 -40.19 24.05 -7.85
C LEU B 676 -40.41 25.12 -6.80
N ILE B 677 -40.37 24.76 -5.52
CA ILE B 677 -40.47 25.76 -4.47
C ILE B 677 -39.18 26.58 -4.41
N GLN B 678 -38.05 25.97 -4.77
CA GLN B 678 -36.80 26.72 -4.92
C GLN B 678 -36.89 27.69 -6.08
N GLN B 679 -37.52 27.26 -7.17
CA GLN B 679 -37.73 28.14 -8.31
C GLN B 679 -38.72 29.26 -7.98
N ALA B 680 -39.64 29.03 -7.04
CA ALA B 680 -40.75 29.94 -6.85
C ALA B 680 -40.80 30.56 -5.46
N ILE B 681 -40.72 29.77 -4.39
CA ILE B 681 -41.11 30.21 -3.06
C ILE B 681 -39.94 30.24 -2.09
N HIS B 682 -39.03 29.27 -2.17
CA HIS B 682 -37.93 29.12 -1.21
C HIS B 682 -37.07 30.36 -1.12
N GLY B 683 -36.38 30.70 -2.21
CA GLY B 683 -35.54 31.87 -2.21
C GLY B 683 -36.04 32.92 -3.17
N ASN B 684 -36.89 32.51 -4.10
CA ASN B 684 -37.32 33.40 -5.17
C ASN B 684 -38.27 34.48 -4.67
N LEU B 685 -38.88 34.31 -3.50
CA LEU B 685 -39.76 35.32 -2.93
C LEU B 685 -39.02 36.33 -2.06
N GLN B 686 -37.70 36.26 -2.01
CA GLN B 686 -36.90 37.15 -1.18
C GLN B 686 -35.78 37.73 -2.03
N ARG B 687 -34.97 38.59 -1.42
CA ARG B 687 -33.83 39.22 -2.11
C ARG B 687 -32.73 38.18 -2.26
N HIS B 688 -32.89 37.29 -3.23
CA HIS B 688 -31.95 36.19 -3.47
C HIS B 688 -31.72 36.09 -4.97
N THR B 689 -30.72 36.81 -5.45
CA THR B 689 -30.32 36.70 -6.85
C THR B 689 -29.60 35.39 -7.05
N VAL B 690 -30.27 34.43 -7.69
CA VAL B 690 -29.81 33.05 -7.73
C VAL B 690 -29.43 32.69 -9.16
N LEU B 691 -28.26 32.09 -9.31
CA LEU B 691 -27.81 31.55 -10.59
C LEU B 691 -27.99 30.04 -10.55
N ILE B 692 -28.52 29.48 -11.63
CA ILE B 692 -28.96 28.10 -11.64
C ILE B 692 -28.41 27.40 -12.86
N ILE B 693 -27.81 26.23 -12.65
CA ILE B 693 -27.51 25.31 -13.72
C ILE B 693 -28.32 24.05 -13.47
N ALA B 694 -28.69 23.35 -14.53
CA ALA B 694 -29.57 22.19 -14.36
C ALA B 694 -29.42 21.23 -15.54
N HIS B 695 -29.61 19.95 -15.25
CA HIS B 695 -29.74 18.93 -16.28
C HIS B 695 -31.20 18.62 -16.57
N ARG B 696 -31.97 18.37 -15.51
CA ARG B 696 -33.42 18.21 -15.65
C ARG B 696 -34.01 19.53 -16.14
N LEU B 697 -34.60 19.50 -17.32
CA LEU B 697 -35.08 20.71 -17.94
C LEU B 697 -36.47 21.12 -17.48
N SER B 698 -36.93 20.59 -16.34
CA SER B 698 -38.14 21.10 -15.73
C SER B 698 -37.97 22.50 -15.18
N THR B 699 -36.73 22.97 -15.05
CA THR B 699 -36.45 24.33 -14.61
C THR B 699 -36.55 25.34 -15.73
N VAL B 700 -36.57 24.90 -16.99
CA VAL B 700 -36.52 25.86 -18.09
C VAL B 700 -37.85 26.59 -18.23
N GLU B 701 -38.90 26.07 -17.63
CA GLU B 701 -40.17 26.79 -17.62
C GLU B 701 -40.08 28.01 -16.71
N ARG B 702 -39.77 27.79 -15.44
CA ARG B 702 -39.66 28.89 -14.49
C ARG B 702 -38.30 29.53 -14.66
N ALA B 703 -38.25 30.64 -15.39
CA ALA B 703 -36.99 31.34 -15.64
C ALA B 703 -37.29 32.77 -16.03
N HIS B 704 -36.26 33.60 -15.94
CA HIS B 704 -36.35 34.98 -16.42
C HIS B 704 -35.36 35.28 -17.53
N LEU B 705 -34.08 34.97 -17.33
CA LEU B 705 -33.03 35.32 -18.28
C LEU B 705 -32.23 34.06 -18.58
N ILE B 706 -32.68 33.30 -19.57
CA ILE B 706 -31.97 32.10 -19.98
C ILE B 706 -30.87 32.49 -20.96
N VAL B 707 -29.64 32.14 -20.63
CA VAL B 707 -28.51 32.30 -21.53
C VAL B 707 -27.98 30.91 -21.85
N VAL B 708 -27.60 30.70 -23.10
CA VAL B 708 -27.09 29.43 -23.58
C VAL B 708 -25.79 29.67 -24.32
N LEU B 709 -24.83 28.77 -24.15
CA LEU B 709 -23.50 28.95 -24.72
C LEU B 709 -23.09 27.71 -25.50
N ASP B 710 -21.89 27.78 -26.06
CA ASP B 710 -21.25 26.63 -26.70
C ASP B 710 -19.75 26.84 -26.72
N LYS B 711 -19.02 25.91 -26.11
CA LYS B 711 -17.55 25.94 -26.02
C LYS B 711 -17.05 27.25 -25.42
N GLY B 712 -17.80 27.80 -24.48
CA GLY B 712 -17.47 29.11 -23.93
C GLY B 712 -17.73 30.23 -24.90
N ARG B 713 -18.85 30.20 -25.61
CA ARG B 713 -19.25 31.28 -26.51
C ARG B 713 -20.77 31.44 -26.43
N VAL B 714 -21.22 32.65 -26.13
CA VAL B 714 -22.66 32.91 -26.03
C VAL B 714 -23.31 32.85 -27.41
N VAL B 715 -24.49 32.24 -27.47
CA VAL B 715 -25.26 32.16 -28.71
C VAL B 715 -26.61 32.86 -28.59
N GLN B 716 -27.31 32.71 -27.46
CA GLN B 716 -28.61 33.34 -27.27
C GLN B 716 -28.73 33.86 -25.85
N GLN B 717 -29.75 34.68 -25.64
CA GLN B 717 -30.09 35.24 -24.34
C GLN B 717 -31.60 35.41 -24.27
N GLY B 718 -32.06 36.19 -23.31
CA GLY B 718 -33.47 36.49 -23.18
C GLY B 718 -34.24 35.35 -22.54
N THR B 719 -35.56 35.45 -22.67
CA THR B 719 -36.42 34.40 -22.16
C THR B 719 -36.38 33.18 -23.05
N HIS B 720 -36.87 32.06 -22.52
CA HIS B 720 -37.01 30.86 -23.33
C HIS B 720 -38.10 31.01 -24.39
N GLN B 721 -39.01 31.97 -24.21
CA GLN B 721 -40.01 32.25 -25.24
C GLN B 721 -39.34 32.74 -26.53
N GLN B 722 -38.28 33.54 -26.40
CA GLN B 722 -37.48 33.87 -27.57
C GLN B 722 -36.72 32.67 -28.08
N LEU B 723 -36.33 31.76 -27.18
CA LEU B 723 -35.64 30.55 -27.59
C LEU B 723 -36.56 29.59 -28.32
N LEU B 724 -37.89 29.75 -28.18
CA LEU B 724 -38.81 29.00 -29.02
C LEU B 724 -38.62 29.38 -30.48
N ALA B 725 -38.34 30.65 -30.76
CA ALA B 725 -38.00 31.07 -32.11
C ALA B 725 -36.64 30.54 -32.51
N GLN B 726 -35.63 30.74 -31.66
CA GLN B 726 -34.28 30.25 -31.93
C GLN B 726 -34.07 28.88 -31.28
N GLY B 727 -34.87 27.92 -31.75
CA GLY B 727 -34.85 26.57 -31.21
C GLY B 727 -33.59 25.78 -31.53
N GLY B 728 -32.70 26.32 -32.35
CA GLY B 728 -31.43 25.70 -32.65
C GLY B 728 -30.62 25.46 -31.40
N LEU B 729 -30.45 24.18 -31.06
CA LEU B 729 -29.77 23.63 -29.89
C LEU B 729 -30.61 23.84 -28.62
N TYR B 730 -31.68 24.62 -28.72
CA TYR B 730 -32.60 24.74 -27.60
C TYR B 730 -33.73 23.73 -27.75
N ALA B 731 -34.53 23.87 -28.81
CA ALA B 731 -35.58 22.90 -29.06
C ALA B 731 -35.00 21.56 -29.47
N LYS B 732 -33.79 21.56 -30.02
CA LYS B 732 -33.05 20.32 -30.22
C LYS B 732 -32.79 19.63 -28.89
N LEU B 733 -32.50 20.41 -27.85
CA LEU B 733 -32.23 19.84 -26.55
C LEU B 733 -33.48 19.64 -25.72
N VAL B 734 -34.55 20.40 -26.02
CA VAL B 734 -35.83 20.17 -25.35
C VAL B 734 -36.34 18.77 -25.64
N GLN B 735 -36.37 18.40 -26.91
CA GLN B 735 -36.81 17.07 -27.27
C GLN B 735 -35.76 16.01 -26.97
N ARG B 736 -34.49 16.41 -26.89
CA ARG B 736 -33.45 15.49 -26.45
C ARG B 736 -33.62 15.09 -24.99
N GLN B 737 -34.30 15.94 -24.20
CA GLN B 737 -34.64 15.54 -22.83
C GLN B 737 -35.66 14.43 -22.84
N MET B 738 -36.57 14.42 -23.81
CA MET B 738 -37.55 13.37 -23.92
C MET B 738 -37.24 12.44 -25.09
N ARG C 1 17.78 1.90 20.21
CA ARG C 1 16.98 0.66 20.33
C ARG C 1 16.51 0.21 18.93
N ARG C 2 16.98 -0.95 18.45
CA ARG C 2 16.54 -1.46 17.16
C ARG C 2 15.11 -1.98 17.24
N TYR C 3 14.48 -2.10 16.06
CA TYR C 3 13.10 -2.58 15.99
C TYR C 3 13.03 -4.09 15.79
N GLN C 4 13.65 -4.59 14.73
CA GLN C 4 13.67 -6.01 14.43
C GLN C 4 15.09 -6.43 14.06
N LYS C 5 15.37 -7.71 14.24
CA LYS C 5 16.70 -8.24 13.98
C LYS C 5 16.96 -8.35 12.49
N SER C 6 18.20 -8.64 12.14
CA SER C 6 18.60 -8.80 10.75
C SER C 6 18.13 -10.15 10.21
N THR C 7 18.39 -10.39 8.92
CA THR C 7 17.96 -11.60 8.25
C THR C 7 19.13 -12.58 8.12
N GLU C 8 18.95 -13.79 8.63
CA GLU C 8 19.99 -14.80 8.58
C GLU C 8 19.34 -16.17 8.57
N LEU C 9 20.12 -17.17 8.18
CA LEU C 9 19.63 -18.54 8.11
C LEU C 9 20.66 -19.51 8.62
CAA Y01 D . 24.93 -20.94 13.52
CBA Y01 D . 24.90 -20.38 14.93
CAB Y01 D . 24.70 -21.49 15.96
CAN Y01 D . 23.83 -19.30 15.05
CAJ Y01 D . 23.64 -18.81 16.48
CAO Y01 D . 23.88 -17.31 16.57
CBB Y01 D . 25.30 -16.95 16.16
CAC Y01 D . 25.29 -15.89 15.06
CBE Y01 D . 26.19 -16.49 17.32
CAP Y01 D . 25.57 -16.59 18.71
CAQ Y01 D . 26.69 -16.97 19.67
CBG Y01 D . 27.93 -16.85 18.82
CBI Y01 D . 27.49 -17.27 17.43
CAE Y01 D . 27.20 -18.77 17.39
CAU Y01 D . 28.58 -16.91 16.44
CAS Y01 D . 29.92 -17.53 16.85
CBF Y01 D . 30.31 -17.22 18.30
CBD Y01 D . 29.17 -17.60 19.26
CAK Y01 D . 29.52 -17.29 20.71
CAI Y01 D . 30.82 -17.98 21.09
CAZ Y01 D . 31.93 -17.56 20.14
CAV Y01 D . 33.29 -18.12 20.56
CBH Y01 D . 31.61 -17.90 18.68
CAD Y01 D . 31.44 -19.41 18.49
CAT Y01 D . 32.72 -17.42 17.77
CAR Y01 D . 34.09 -17.93 18.21
CBC Y01 D . 34.38 -17.55 19.66
OAW Y01 D . 35.66 -18.04 20.05
CAY Y01 D . 36.69 -17.27 19.44
OAG Y01 D . 37.37 -18.06 18.45
CAM Y01 D . 37.65 -16.79 20.51
CAL Y01 D . 37.83 -17.83 21.60
CAX Y01 D . 38.67 -18.96 21.07
OAH Y01 D . 38.19 -20.11 21.05
OAF Y01 D . 39.82 -18.70 20.65
CAA Y01 E . 27.13 -10.61 20.94
CBA Y01 E . 25.99 -10.65 21.95
CAB Y01 E . 24.80 -9.83 21.45
CAN Y01 E . 26.45 -10.16 23.32
CAJ Y01 E . 26.87 -8.70 23.25
CAO Y01 E . 27.83 -8.34 24.39
CBB Y01 E . 29.17 -9.05 24.22
CAC Y01 E . 29.82 -8.69 22.89
CBE Y01 E . 30.16 -8.82 25.37
CAP Y01 E . 29.61 -7.98 26.53
CAQ Y01 E . 30.15 -8.60 27.82
CBG Y01 E . 31.22 -9.56 27.32
CBI Y01 E . 30.68 -10.09 26.00
CAE Y01 E . 29.52 -11.07 26.23
CAU Y01 E . 31.82 -10.80 25.28
CAS Y01 E . 32.43 -11.91 26.15
CBF Y01 E . 32.83 -11.41 27.54
CBD Y01 E . 31.67 -10.70 28.23
CAK Y01 E . 32.06 -10.18 29.61
CAI Y01 E . 32.51 -11.37 30.46
CAZ Y01 E . 33.70 -12.02 29.79
CAV Y01 E . 34.34 -13.08 30.66
CBH Y01 E . 33.36 -12.54 28.40
CAD Y01 E . 32.29 -13.63 28.48
CAT Y01 E . 34.59 -13.13 27.73
CAR Y01 E . 35.28 -14.14 28.64
CBC Y01 E . 35.63 -13.52 29.97
OAW Y01 E . 36.27 -14.49 30.78
CAY Y01 E . 37.63 -14.15 31.01
OAG Y01 E . 38.23 -13.67 29.80
CAM Y01 E . 38.37 -15.40 31.45
CAL Y01 E . 39.85 -15.12 31.58
CAX Y01 E . 40.58 -15.58 30.35
OAH Y01 E . 41.79 -15.90 30.46
OAF Y01 E . 39.96 -15.64 29.27
CAA Y01 F . 19.96 0.00 27.81
CBA Y01 F . 21.48 0.09 27.67
CAB Y01 F . 22.12 0.65 28.93
CAN Y01 F . 21.88 0.89 26.44
CAJ Y01 F . 23.39 1.04 26.31
CAO Y01 F . 23.91 0.46 25.01
CBB Y01 F . 23.64 -1.04 24.92
CAC Y01 F . 23.26 -1.38 23.48
CBE Y01 F . 24.68 -2.07 25.43
CAP Y01 F . 25.86 -2.36 24.50
CAQ Y01 F . 26.73 -3.31 25.34
CBG Y01 F . 26.03 -3.37 26.69
CBI Y01 F . 25.32 -2.04 26.82
CAE Y01 F . 26.39 -0.95 27.00
CAU Y01 F . 24.39 -2.13 28.01
CAS Y01 F . 25.15 -2.49 29.30
CBF Y01 F . 26.02 -3.73 29.18
CBD Y01 F . 26.87 -3.70 27.90
CAK Y01 F . 27.63 -5.00 27.75
CAI Y01 F . 28.56 -5.19 28.94
CAZ Y01 F . 27.77 -5.15 30.25
CAV Y01 F . 28.72 -5.30 31.43
CBH Y01 F . 26.93 -3.87 30.39
CAD Y01 F . 27.80 -2.63 30.48
CAT Y01 F . 26.12 -4.01 31.67
CAR Y01 F . 27.01 -4.23 32.90
CBC Y01 F . 27.95 -5.43 32.75
OAW Y01 F . 28.88 -5.44 33.81
CAY Y01 F . 28.44 -6.22 34.92
OAG Y01 F . 29.34 -6.01 36.02
CAM Y01 F . 28.45 -7.69 34.55
CAL Y01 F . 29.80 -8.35 34.87
CAX Y01 F . 30.86 -7.84 33.94
OAH Y01 F . 31.99 -7.58 34.41
OAF Y01 F . 30.60 -7.71 32.73
#